data_6MJJ
#
_entry.id   6MJJ
#
_cell.length_a   78.999
_cell.length_b   191.279
_cell.length_c   151.264
_cell.angle_alpha   90.000
_cell.angle_beta   90.000
_cell.angle_gamma   90.000
#
_symmetry.space_group_name_H-M   'C 2 2 21'
#
loop_
_entity.id
_entity.type
_entity.pdbx_description
1 polymer 'T cell receptor alpha variable 11,T cell receptor alpha variable 11,T cell receptor alpha joining 18,Human nkt tcr alpha chain, CHIMERIC PROTEIN'
2 polymer 'Beta-chain,Tcell receptor chain,T cell receptor beta constant 2, CHIMERIC PROTEIN'
3 polymer 'Antigen-presenting glycoprotein CD1d1'
4 polymer Beta-2-microglobulin
5 branched 2-acetamido-2-deoxy-beta-D-glucopyranose-(1-4)-2-acetamido-2-deoxy-beta-D-glucopyranose
6 branched 2-acetamido-2-deoxy-beta-D-glucopyranose-(1-4)-[alpha-L-fucopyranose-(1-6)]2-acetamido-2-deoxy-beta-D-glucopyranose
7 non-polymer GLYCEROL
8 non-polymer 'SODIUM ION'
9 non-polymer 2-acetamido-2-deoxy-beta-D-glucopyranose
10 non-polymer N-[(2S,3S,4R)-1-({4-O-[(3,4-dichlorophenyl)methyl]-alpha-D-galactopyranosyl}oxy)-3,4-dihydroxyoctadecan-2-yl]hexacosanamide
11 water water
#
loop_
_entity_poly.entity_id
_entity_poly.type
_entity_poly.pdbx_seq_one_letter_code
_entity_poly.pdbx_strand_id
1 'polypeptide(L)'
;MKTQVEQSPQSLVVRQGENCVLQCNYSVTPDNHLRWFKQDTGKGLVSLTVLVDQKDKTSNGRYSATLDKDAKHSTLHITA
TLLDDTATYICVVGDRGSALGRLHFGAGTQLIVIPDIQNPDPAVYQLRDSKSSDKSVCLFTDFDSQTNVSQSKDSDVYIT
DKCVLDMRSMDFKSNSAVAWSNKSDFACANAFNNSIIPEDTFFPSPESS
;
C
2 'polypeptide(L)'
;MEAAVTQSPRNKVAVTGGKVTLSCNQTNNHNNMYWYRQDTGHGLRLIHYSYGAGSTEKGDIPDGYKASRPSQENFSLILE
LATPSQTSVYFCASGDEGYTQYFGPGTRLLVLEDLRNVTPPKVSLFEPSKAEISHTQKATLVCLATGFYPDHVELSWWVN
GKEVHSGVCTDPQPLKEQPALNDSRYSLSSRLRVSATFWQNPRNHFRCQVQFYGLSENDEWTQDRAKPVTQIVSAEAWGR
A
;
D
3 'polypeptide(L)'
;SEAQQKNYTFRCLQMSSFANRSWSRTDSVVWLGDLQTHRWSNDSATISFTKPWSQGKLSNQQWEKLQHMFQVYRVSFTRD
IQELVKMMSPKEDYPIEIQLSAGCEMYPGNASESFLHVAFQGKYVVRFWGTSWQTVPGAPSWLDLPIKVLNADQGTSATV
QMLLNDTCPLFVRGLLEAGKSDLEKQEKPVAWLSSVPSSAHGHRQLVCHVSGFYPKPVWVMWMRGDQEQQGTHRGDFLPN
ADETWYLQATLDVEAGEEAGLACRVKHSSLGGQDIILYWHHHHHH
;
A
4 'polypeptide(L)'
;IQKTPQIQVYSRHPPENGKPNILNCYVTQFHPPHIEIQMLKNGKKIPKVEMSDMSFSKDWSFYILAHTEFTPTETDTYAC
RVKHASMAEPKTVYWDRDM
;
B
#
# COMPACT_ATOMS: atom_id res chain seq x y z
N LYS A 2 -10.02 7.60 13.90
CA LYS A 2 -9.64 8.66 12.91
C LYS A 2 -8.64 8.10 11.89
N THR A 3 -7.58 7.43 12.39
CA THR A 3 -6.45 6.97 11.57
C THR A 3 -6.28 5.45 11.77
N GLN A 4 -5.51 4.82 10.87
CA GLN A 4 -5.32 3.38 10.89
C GLN A 4 -4.15 2.98 11.80
N VAL A 5 -3.34 3.93 12.26
CA VAL A 5 -2.19 3.65 13.15
C VAL A 5 -2.21 4.66 14.30
N GLU A 6 -2.34 4.13 15.52
CA GLU A 6 -2.45 4.96 16.73
C GLU A 6 -1.32 4.58 17.70
N GLN A 7 -0.63 5.60 18.21
CA GLN A 7 0.46 5.40 19.13
C GLN A 7 0.06 5.96 20.50
N SER A 8 0.60 5.34 21.54
CA SER A 8 0.41 5.74 22.94
C SER A 8 1.69 5.45 23.71
N PRO A 9 2.06 6.26 24.73
CA PRO A 9 1.40 7.53 25.01
C PRO A 9 1.69 8.60 23.95
N GLN A 10 0.95 9.71 23.97
CA GLN A 10 1.21 10.85 23.10
C GLN A 10 2.58 11.44 23.44
N SER A 11 2.86 11.58 24.73
CA SER A 11 4.14 12.06 25.20
C SER A 11 4.40 11.55 26.62
N LEU A 12 5.68 11.48 26.98
CA LEU A 12 6.08 11.11 28.32
C LEU A 12 7.45 11.71 28.64
N VAL A 13 7.69 11.86 29.95
CA VAL A 13 8.91 12.38 30.51
C VAL A 13 9.44 11.30 31.46
N VAL A 14 10.72 10.90 31.26
CA VAL A 14 11.37 9.92 32.11
C VAL A 14 12.72 10.50 32.55
N ARG A 15 13.24 9.98 33.66
CA ARG A 15 14.57 10.32 34.13
C ARG A 15 15.57 9.31 33.54
N GLN A 16 16.78 9.80 33.26
CA GLN A 16 17.90 9.00 32.78
C GLN A 16 18.03 7.73 33.62
N GLY A 17 18.21 6.59 32.93
CA GLY A 17 18.42 5.30 33.57
C GLY A 17 17.14 4.48 33.65
N GLU A 18 15.98 5.15 33.56
CA GLU A 18 14.69 4.46 33.65
C GLU A 18 14.40 3.83 32.29
N ASN A 19 13.65 2.72 32.30
CA ASN A 19 13.16 2.08 31.08
C ASN A 19 11.80 2.68 30.76
N CYS A 20 11.38 2.58 29.49
CA CYS A 20 10.02 2.93 29.12
C CYS A 20 9.56 2.04 27.97
N VAL A 21 8.23 2.03 27.77
CA VAL A 21 7.57 1.22 26.76
C VAL A 21 6.62 2.14 25.99
N LEU A 22 6.69 2.05 24.66
CA LEU A 22 5.88 2.79 23.71
C LEU A 22 4.99 1.79 22.98
N GLN A 23 3.75 2.20 22.68
N GLN A 23 3.73 2.18 22.71
CA GLN A 23 2.69 1.33 22.13
CA GLN A 23 2.72 1.30 22.12
C GLN A 23 2.32 1.81 20.72
C GLN A 23 2.35 1.80 20.72
N CYS A 24 2.03 0.83 19.85
CA CYS A 24 1.47 1.08 18.53
C CYS A 24 0.32 0.10 18.31
N ASN A 25 -0.87 0.63 17.99
CA ASN A 25 -2.03 -0.17 17.66
C ASN A 25 -2.51 0.27 16.27
N TYR A 26 -2.91 -0.70 15.43
CA TYR A 26 -3.26 -0.38 14.05
C TYR A 26 -4.48 -1.21 13.61
N SER A 27 -5.16 -0.71 12.57
CA SER A 27 -6.26 -1.41 11.93
C SER A 27 -5.92 -1.75 10.47
N VAL A 28 -4.70 -1.40 10.04
CA VAL A 28 -4.22 -1.65 8.66
C VAL A 28 -4.37 -3.14 8.32
N THR A 29 -4.90 -3.42 7.13
CA THR A 29 -5.06 -4.78 6.61
C THR A 29 -4.69 -4.79 5.12
N PRO A 30 -3.81 -5.70 4.64
CA PRO A 30 -3.01 -6.57 5.51
C PRO A 30 -1.83 -5.83 6.13
N ASP A 31 -1.18 -6.50 7.09
CA ASP A 31 -0.05 -5.98 7.83
C ASP A 31 1.18 -6.81 7.45
N ASN A 32 1.96 -6.35 6.46
CA ASN A 32 3.13 -7.10 6.00
C ASN A 32 4.26 -6.98 7.02
N HIS A 33 4.53 -5.74 7.45
CA HIS A 33 5.62 -5.47 8.37
C HIS A 33 5.35 -4.16 9.10
N LEU A 34 6.02 -4.00 10.23
CA LEU A 34 5.93 -2.82 11.06
C LEU A 34 7.35 -2.37 11.39
N ARG A 35 7.61 -1.07 11.20
CA ARG A 35 8.91 -0.46 11.48
C ARG A 35 8.74 0.63 12.54
N TRP A 36 9.75 0.72 13.42
CA TRP A 36 9.90 1.81 14.37
C TRP A 36 11.03 2.74 13.90
N PHE A 37 10.70 4.04 13.80
CA PHE A 37 11.64 5.10 13.51
C PHE A 37 11.89 5.95 14.76
N LYS A 38 13.12 6.45 14.88
CA LYS A 38 13.45 7.53 15.79
C LYS A 38 13.67 8.80 14.97
N GLN A 39 13.03 9.90 15.38
CA GLN A 39 13.21 11.20 14.76
C GLN A 39 13.60 12.25 15.82
N ASP A 40 14.88 12.66 15.78
CA ASP A 40 15.39 13.77 16.58
C ASP A 40 14.80 15.08 16.07
N THR A 41 14.77 16.09 16.94
CA THR A 41 14.15 17.38 16.67
C THR A 41 14.72 17.98 15.38
N GLY A 42 13.83 18.28 14.43
CA GLY A 42 14.16 18.94 13.17
C GLY A 42 15.08 18.12 12.29
N LYS A 43 15.14 16.80 12.52
CA LYS A 43 16.02 15.90 11.80
C LYS A 43 15.16 14.86 11.06
N GLY A 44 15.82 13.82 10.55
CA GLY A 44 15.21 12.82 9.69
C GLY A 44 14.82 11.56 10.43
N LEU A 45 14.49 10.52 9.67
CA LEU A 45 13.96 9.27 10.20
C LEU A 45 15.08 8.23 10.26
N VAL A 46 15.34 7.70 11.47
CA VAL A 46 16.32 6.65 11.68
C VAL A 46 15.57 5.37 12.04
N SER A 47 15.74 4.32 11.23
CA SER A 47 15.09 3.03 11.47
C SER A 47 15.75 2.32 12.65
N LEU A 48 14.92 1.89 13.62
CA LEU A 48 15.39 1.18 14.83
C LEU A 48 15.25 -0.34 14.64
N THR A 49 14.14 -0.77 14.05
CA THR A 49 13.84 -2.18 13.90
C THR A 49 12.67 -2.35 12.92
N VAL A 50 12.59 -3.53 12.29
N VAL A 50 12.62 -3.53 12.29
CA VAL A 50 11.46 -3.92 11.46
CA VAL A 50 11.51 -3.99 11.45
C VAL A 50 11.00 -5.31 11.93
C VAL A 50 11.01 -5.31 12.02
N LEU A 51 9.69 -5.44 12.16
CA LEU A 51 9.07 -6.68 12.63
C LEU A 51 8.20 -7.23 11.49
N VAL A 52 8.34 -8.54 11.21
CA VAL A 52 7.74 -9.17 10.02
C VAL A 52 6.86 -10.38 10.39
N ASP A 53 7.18 -11.09 11.49
CA ASP A 53 6.52 -12.37 11.83
C ASP A 53 5.20 -12.12 12.58
N GLN A 54 4.31 -13.11 12.49
CA GLN A 54 3.00 -13.10 13.15
C GLN A 54 3.15 -12.74 14.63
N LYS A 55 4.13 -13.38 15.28
CA LYS A 55 4.51 -13.12 16.68
C LYS A 55 6.02 -12.89 16.71
N ASP A 56 6.45 -11.63 16.60
CA ASP A 56 7.85 -11.31 16.38
C ASP A 56 8.42 -10.61 17.60
N LYS A 57 9.74 -10.75 17.76
CA LYS A 57 10.54 -10.07 18.76
C LYS A 57 11.87 -9.70 18.11
N THR A 58 12.30 -8.45 18.29
CA THR A 58 13.56 -7.98 17.76
C THR A 58 14.29 -7.17 18.85
N SER A 59 15.58 -6.94 18.61
CA SER A 59 16.37 -6.13 19.50
C SER A 59 17.44 -5.39 18.69
N ASN A 60 17.89 -4.27 19.23
CA ASN A 60 18.88 -3.43 18.64
C ASN A 60 19.48 -2.60 19.77
N GLY A 61 20.54 -3.14 20.40
CA GLY A 61 21.14 -2.54 21.58
C GLY A 61 20.13 -2.40 22.70
N ARG A 62 19.88 -1.16 23.12
CA ARG A 62 18.98 -0.87 24.25
C ARG A 62 17.52 -0.90 23.80
N TYR A 63 17.28 -0.98 22.47
CA TYR A 63 15.92 -1.05 21.91
C TYR A 63 15.51 -2.53 21.76
N SER A 64 14.28 -2.85 22.16
CA SER A 64 13.67 -4.14 21.85
C SER A 64 12.20 -3.90 21.51
N ALA A 65 11.65 -4.77 20.67
CA ALA A 65 10.30 -4.59 20.15
C ALA A 65 9.60 -5.94 20.02
N THR A 66 8.27 -5.89 20.13
CA THR A 66 7.39 -7.02 19.92
C THR A 66 6.33 -6.65 18.88
N LEU A 67 5.84 -7.66 18.17
CA LEU A 67 4.71 -7.53 17.27
C LEU A 67 3.80 -8.74 17.48
N ASP A 68 2.50 -8.46 17.65
CA ASP A 68 1.44 -9.46 17.65
C ASP A 68 0.44 -9.06 16.57
N LYS A 69 0.51 -9.74 15.41
CA LYS A 69 -0.29 -9.38 14.24
C LYS A 69 -1.78 -9.72 14.47
N ASP A 70 -2.06 -10.66 15.37
CA ASP A 70 -3.45 -11.05 15.67
C ASP A 70 -4.15 -9.92 16.43
N ALA A 71 -3.45 -9.33 17.40
CA ALA A 71 -3.97 -8.22 18.20
C ALA A 71 -3.69 -6.87 17.50
N LYS A 72 -2.88 -6.89 16.44
CA LYS A 72 -2.48 -5.69 15.68
C LYS A 72 -1.86 -4.67 16.64
N HIS A 73 -0.81 -5.12 17.33
CA HIS A 73 -0.21 -4.40 18.44
C HIS A 73 1.31 -4.61 18.41
N SER A 74 2.05 -3.52 18.59
CA SER A 74 3.50 -3.55 18.73
C SER A 74 3.90 -2.69 19.94
N THR A 75 4.98 -3.08 20.60
CA THR A 75 5.58 -2.29 21.66
C THR A 75 7.07 -2.09 21.32
N LEU A 76 7.57 -0.90 21.62
CA LEU A 76 8.99 -0.60 21.63
C LEU A 76 9.40 -0.35 23.08
N HIS A 77 10.39 -1.12 23.55
CA HIS A 77 10.98 -0.98 24.88
CA HIS A 77 10.96 -0.96 24.88
C HIS A 77 12.34 -0.30 24.74
N ILE A 78 12.58 0.73 25.56
CA ILE A 78 13.90 1.37 25.66
C ILE A 78 14.42 1.08 27.07
N THR A 79 15.56 0.38 27.16
CA THR A 79 16.20 0.07 28.42
C THR A 79 17.25 1.15 28.74
N ALA A 80 17.25 1.60 30.00
CA ALA A 80 18.27 2.48 30.54
C ALA A 80 18.42 3.72 29.66
N THR A 81 17.39 4.58 29.66
CA THR A 81 17.29 5.73 28.77
C THR A 81 18.47 6.68 28.99
N LEU A 82 18.92 7.29 27.89
CA LEU A 82 19.95 8.31 27.88
C LEU A 82 19.35 9.59 27.30
N LEU A 83 20.01 10.72 27.58
CA LEU A 83 19.61 12.03 27.11
C LEU A 83 19.33 11.98 25.60
N ASP A 84 20.17 11.26 24.84
CA ASP A 84 20.09 11.22 23.38
C ASP A 84 18.85 10.44 22.90
N ASP A 85 18.13 9.77 23.82
CA ASP A 85 16.87 9.10 23.46
C ASP A 85 15.72 10.11 23.36
N THR A 86 15.95 11.37 23.77
CA THR A 86 14.97 12.43 23.63
C THR A 86 14.70 12.63 22.13
N ALA A 87 13.46 12.32 21.71
CA ALA A 87 13.10 12.26 20.29
C ALA A 87 11.61 11.91 20.16
N THR A 88 11.12 11.92 18.92
CA THR A 88 9.83 11.35 18.58
C THR A 88 10.04 9.94 18.00
N TYR A 89 9.23 8.99 18.47
CA TYR A 89 9.28 7.60 18.03
C TYR A 89 8.01 7.32 17.22
N ILE A 90 8.20 6.85 15.98
CA ILE A 90 7.15 6.72 14.98
C ILE A 90 7.03 5.25 14.57
N CYS A 91 5.78 4.75 14.60
CA CYS A 91 5.38 3.44 14.18
C CYS A 91 4.83 3.56 12.74
N VAL A 92 5.29 2.66 11.86
N VAL A 92 5.25 2.64 11.86
CA VAL A 92 4.87 2.60 10.46
CA VAL A 92 4.79 2.65 10.47
C VAL A 92 4.47 1.17 10.11
C VAL A 92 4.51 1.21 10.03
N VAL A 93 3.31 1.00 9.46
CA VAL A 93 2.87 -0.31 8.99
C VAL A 93 2.87 -0.27 7.45
N GLY A 94 3.59 -1.22 6.85
CA GLY A 94 3.59 -1.43 5.40
C GLY A 94 2.63 -2.55 5.03
N ASP A 95 1.75 -2.29 4.06
CA ASP A 95 0.64 -3.20 3.78
C ASP A 95 1.01 -4.19 2.68
N ARG A 96 2.26 -4.17 2.19
CA ARG A 96 2.73 -5.14 1.19
C ARG A 96 4.20 -5.46 1.42
N GLY A 97 4.59 -6.67 1.00
CA GLY A 97 5.98 -7.08 1.00
C GLY A 97 6.73 -6.68 -0.27
N SER A 98 6.28 -5.63 -0.94
CA SER A 98 6.88 -5.11 -2.19
C SER A 98 6.58 -3.61 -2.33
N ALA A 99 7.09 -3.02 -3.42
CA ALA A 99 6.90 -1.62 -3.79
C ALA A 99 5.43 -1.28 -4.07
N LEU A 100 4.57 -2.28 -4.26
CA LEU A 100 3.13 -2.07 -4.42
C LEU A 100 2.49 -1.62 -3.10
N GLY A 101 3.27 -1.65 -2.01
CA GLY A 101 2.80 -1.29 -0.67
C GLY A 101 2.62 0.20 -0.48
N ARG A 102 1.67 0.54 0.39
CA ARG A 102 1.53 1.85 0.98
C ARG A 102 2.00 1.77 2.45
N LEU A 103 2.65 2.84 2.90
CA LEU A 103 3.07 2.97 4.29
C LEU A 103 1.99 3.76 5.06
N HIS A 104 1.69 3.27 6.26
CA HIS A 104 0.71 3.89 7.13
C HIS A 104 1.43 4.35 8.40
N PHE A 105 1.57 5.68 8.56
CA PHE A 105 2.42 6.26 9.60
C PHE A 105 1.56 6.63 10.81
N GLY A 106 2.03 6.25 12.01
CA GLY A 106 1.55 6.81 13.25
C GLY A 106 2.05 8.24 13.42
N ALA A 107 1.38 8.98 14.31
CA ALA A 107 1.66 10.40 14.53
C ALA A 107 2.81 10.59 15.54
N GLY A 108 3.25 9.50 16.17
CA GLY A 108 4.48 9.51 16.97
C GLY A 108 4.21 9.70 18.45
N THR A 109 5.19 9.29 19.25
CA THR A 109 5.25 9.51 20.70
C THR A 109 6.48 10.36 21.00
N GLN A 110 6.29 11.47 21.70
CA GLN A 110 7.39 12.36 22.10
C GLN A 110 7.93 11.91 23.46
N LEU A 111 9.22 11.53 23.48
CA LEU A 111 9.92 11.15 24.70
C LEU A 111 10.89 12.26 25.09
N ILE A 112 10.86 12.67 26.37
CA ILE A 112 11.87 13.55 26.96
C ILE A 112 12.56 12.77 28.09
N VAL A 113 13.90 12.76 28.05
CA VAL A 113 14.70 12.14 29.10
C VAL A 113 15.40 13.26 29.89
N ILE A 114 15.15 13.30 31.20
CA ILE A 114 15.77 14.28 32.09
C ILE A 114 17.14 13.76 32.49
N PRO A 115 18.23 14.52 32.23
CA PRO A 115 19.58 14.04 32.53
C PRO A 115 19.85 14.06 34.03
N ASP A 116 20.71 13.15 34.49
CA ASP A 116 21.10 13.02 35.88
C ASP A 116 22.37 13.85 36.10
N ILE A 117 22.22 15.00 36.78
CA ILE A 117 23.34 15.90 37.12
C ILE A 117 23.88 15.49 38.49
N GLN A 118 25.05 14.84 38.50
CA GLN A 118 25.64 14.23 39.70
C GLN A 118 26.18 15.30 40.66
N ASN A 119 27.05 16.18 40.13
CA ASN A 119 27.82 17.13 40.94
C ASN A 119 27.45 18.57 40.58
N PRO A 120 26.27 19.07 41.03
CA PRO A 120 25.87 20.44 40.72
C PRO A 120 26.78 21.49 41.37
N ASP A 121 26.86 22.66 40.73
CA ASP A 121 27.67 23.78 41.18
C ASP A 121 27.01 25.08 40.70
N PRO A 122 25.75 25.35 41.12
CA PRO A 122 24.98 26.46 40.56
C PRO A 122 25.72 27.80 40.69
N ALA A 123 25.75 28.56 39.61
CA ALA A 123 26.49 29.82 39.54
C ALA A 123 25.91 30.71 38.44
N VAL A 124 26.07 32.03 38.61
CA VAL A 124 25.67 33.02 37.62
C VAL A 124 26.92 33.81 37.22
N TYR A 125 27.31 33.72 35.95
CA TYR A 125 28.51 34.36 35.42
C TYR A 125 28.12 35.45 34.42
N GLN A 126 28.97 36.48 34.32
CA GLN A 126 28.83 37.54 33.32
C GLN A 126 29.87 37.31 32.23
N LEU A 127 29.40 37.31 30.97
CA LEU A 127 30.24 37.12 29.79
C LEU A 127 30.17 38.40 28.94
N ARG A 128 31.31 38.85 28.41
CA ARG A 128 31.37 40.10 27.65
C ARG A 128 31.51 39.80 26.14
N ASP A 129 30.93 40.68 25.33
CA ASP A 129 30.86 40.57 23.87
C ASP A 129 32.27 40.63 23.28
N SER A 130 32.48 39.82 22.25
CA SER A 130 33.77 39.67 21.55
C SER A 130 34.27 41.01 21.02
N LYS A 131 33.35 41.86 20.56
CA LYS A 131 33.68 43.13 19.89
C LYS A 131 33.52 44.29 20.87
N SER A 132 32.27 44.58 21.27
CA SER A 132 31.94 45.77 22.07
C SER A 132 31.98 45.42 23.57
N SER A 133 32.85 46.10 24.31
CA SER A 133 33.13 45.83 25.72
C SER A 133 31.87 45.95 26.58
N ASP A 134 30.98 46.88 26.23
CA ASP A 134 29.82 47.25 27.06
C ASP A 134 28.78 46.13 27.08
N LYS A 135 28.58 45.44 25.95
CA LYS A 135 27.56 44.38 25.82
C LYS A 135 27.98 43.15 26.63
N SER A 136 26.99 42.54 27.31
CA SER A 136 27.22 41.35 28.12
C SER A 136 25.96 40.49 28.20
N VAL A 137 26.14 39.23 28.60
CA VAL A 137 25.05 38.32 28.94
C VAL A 137 25.35 37.73 30.32
N CYS A 138 24.30 37.21 30.97
CA CYS A 138 24.40 36.50 32.24
C CYS A 138 24.10 35.01 32.01
N LEU A 139 25.01 34.16 32.48
CA LEU A 139 24.92 32.71 32.29
C LEU A 139 24.68 32.04 33.65
N PHE A 140 23.47 31.49 33.81
CA PHE A 140 23.13 30.64 34.95
C PHE A 140 23.40 29.18 34.56
N THR A 141 24.36 28.53 35.22
CA THR A 141 24.82 27.22 34.80
C THR A 141 25.07 26.31 36.00
N ASP A 142 25.12 25.00 35.70
CA ASP A 142 25.61 23.94 36.59
C ASP A 142 24.61 23.66 37.72
N PHE A 143 23.32 23.91 37.47
CA PHE A 143 22.24 23.58 38.40
C PHE A 143 21.66 22.21 38.02
N ASP A 144 21.09 21.50 39.00
CA ASP A 144 20.51 20.17 38.74
C ASP A 144 19.09 20.37 38.18
N SER A 145 18.49 19.27 37.70
CA SER A 145 17.24 19.33 36.95
C SER A 145 16.04 19.56 37.87
N GLN A 146 16.26 19.59 39.19
CA GLN A 146 15.26 20.01 40.16
C GLN A 146 14.93 21.49 39.96
N THR A 147 15.95 22.30 39.64
CA THR A 147 15.81 23.75 39.45
C THR A 147 15.02 24.04 38.17
N ASN A 148 14.15 25.05 38.23
CA ASN A 148 13.33 25.51 37.12
C ASN A 148 13.63 26.98 36.86
N VAL A 149 13.73 27.36 35.57
CA VAL A 149 14.05 28.72 35.15
C VAL A 149 12.77 29.39 34.64
N SER A 150 12.36 30.47 35.31
CA SER A 150 11.18 31.23 34.95
C SER A 150 11.54 32.34 33.96
N GLN A 151 10.58 32.71 33.10
CA GLN A 151 10.68 33.86 32.20
C GLN A 151 10.74 35.14 33.04
N SER A 152 11.22 36.22 32.43
CA SER A 152 11.41 37.49 33.12
C SER A 152 10.06 38.20 33.29
N LYS A 153 9.93 38.94 34.40
CA LYS A 153 8.82 39.85 34.64
C LYS A 153 8.95 41.07 33.73
N ASP A 154 10.18 41.60 33.64
CA ASP A 154 10.51 42.75 32.79
C ASP A 154 10.46 42.32 31.33
N SER A 155 9.76 43.11 30.51
CA SER A 155 9.51 42.81 29.10
C SER A 155 10.76 43.08 28.25
N ASP A 156 11.69 43.88 28.77
CA ASP A 156 12.93 44.25 28.07
C ASP A 156 14.12 43.47 28.65
N VAL A 157 13.84 42.44 29.45
CA VAL A 157 14.82 41.46 29.88
C VAL A 157 14.47 40.12 29.22
N TYR A 158 15.45 39.47 28.60
CA TYR A 158 15.26 38.22 27.88
C TYR A 158 15.93 37.09 28.64
N ILE A 159 15.19 36.00 28.83
CA ILE A 159 15.69 34.81 29.51
C ILE A 159 15.27 33.58 28.70
N THR A 160 16.24 32.72 28.39
CA THR A 160 16.00 31.49 27.64
C THR A 160 15.55 30.39 28.61
N ASP A 161 14.98 29.32 28.04
CA ASP A 161 14.67 28.12 28.80
C ASP A 161 16.00 27.41 29.09
N LYS A 162 15.97 26.48 30.06
CA LYS A 162 17.15 25.69 30.39
C LYS A 162 17.46 24.77 29.21
N CYS A 163 18.73 24.36 29.15
CA CYS A 163 19.32 23.67 28.03
C CYS A 163 20.50 22.84 28.55
N VAL A 164 20.53 21.54 28.23
CA VAL A 164 21.61 20.67 28.70
C VAL A 164 22.61 20.41 27.56
N LEU A 165 23.89 20.63 27.86
CA LEU A 165 24.98 20.26 26.96
C LEU A 165 25.72 19.06 27.55
N ASP A 166 26.42 18.34 26.66
CA ASP A 166 27.10 17.11 26.98
C ASP A 166 28.53 17.19 26.41
N MET A 167 29.50 17.33 27.31
CA MET A 167 30.91 17.30 26.96
C MET A 167 31.36 15.84 26.96
N ARG A 168 31.29 15.22 25.77
CA ARG A 168 31.28 13.76 25.60
C ARG A 168 32.61 13.15 26.04
N SER A 169 33.72 13.77 25.65
CA SER A 169 35.07 13.26 25.95
C SER A 169 35.33 13.22 27.47
N MET A 170 34.66 14.10 28.23
CA MET A 170 34.82 14.22 29.68
C MET A 170 33.70 13.48 30.43
N ASP A 171 32.67 13.00 29.71
CA ASP A 171 31.47 12.38 30.30
C ASP A 171 30.85 13.33 31.33
N PHE A 172 30.59 14.58 30.90
CA PHE A 172 30.10 15.64 31.75
C PHE A 172 28.92 16.36 31.08
N LYS A 173 27.81 16.51 31.83
CA LYS A 173 26.64 17.24 31.37
C LYS A 173 26.37 18.42 32.31
N SER A 174 25.84 19.52 31.77
CA SER A 174 25.52 20.71 32.55
C SER A 174 24.30 21.42 31.95
N ASN A 175 23.42 21.89 32.85
CA ASN A 175 22.28 22.74 32.51
C ASN A 175 22.74 24.19 32.47
N SER A 176 22.09 25.01 31.63
CA SER A 176 22.32 26.45 31.62
C SER A 176 21.12 27.18 31.03
N ALA A 177 21.00 28.45 31.40
CA ALA A 177 20.09 29.40 30.82
C ALA A 177 20.82 30.75 30.70
N VAL A 178 20.38 31.57 29.75
CA VAL A 178 21.02 32.82 29.41
C VAL A 178 20.01 33.95 29.61
N ALA A 179 20.49 35.07 30.16
CA ALA A 179 19.72 36.29 30.34
C ALA A 179 20.51 37.49 29.82
N TRP A 180 19.81 38.42 29.16
CA TRP A 180 20.41 39.67 28.68
C TRP A 180 19.33 40.75 28.59
N SER A 181 19.79 42.01 28.47
CA SER A 181 18.93 43.20 28.46
C SER A 181 19.77 44.44 28.13
N ASN A 182 19.10 45.59 28.05
CA ASN A 182 19.75 46.90 27.97
C ASN A 182 18.84 47.96 28.61
N PHE A 186 20.41 46.66 34.59
CA PHE A 186 20.43 45.20 34.52
C PHE A 186 21.79 44.67 34.93
N ALA A 187 21.81 43.88 36.02
CA ALA A 187 22.99 43.16 36.49
C ALA A 187 22.64 41.68 36.66
N CYS A 188 23.67 40.83 36.71
CA CYS A 188 23.50 39.38 36.76
C CYS A 188 23.03 38.94 38.17
N ALA A 189 23.26 39.78 39.18
CA ALA A 189 22.73 39.56 40.53
C ALA A 189 21.19 39.57 40.50
N ASN A 190 20.62 40.40 39.62
CA ASN A 190 19.18 40.64 39.53
C ASN A 190 18.52 39.76 38.46
N ALA A 191 19.33 39.20 37.54
CA ALA A 191 18.85 38.64 36.28
C ALA A 191 17.79 37.55 36.51
N PHE A 192 18.09 36.61 37.41
CA PHE A 192 17.25 35.42 37.61
C PHE A 192 16.46 35.50 38.93
N ASN A 193 16.08 36.73 39.34
CA ASN A 193 15.32 36.99 40.57
C ASN A 193 13.94 36.31 40.52
N ASN A 194 13.35 36.25 39.32
CA ASN A 194 11.98 35.76 39.12
C ASN A 194 11.96 34.22 39.16
N SER A 195 13.14 33.59 39.18
CA SER A 195 13.28 32.14 39.31
C SER A 195 13.69 31.77 40.74
N ILE A 196 13.22 30.60 41.20
CA ILE A 196 13.67 30.01 42.45
C ILE A 196 14.97 29.24 42.16
N ILE A 197 16.10 29.83 42.57
CA ILE A 197 17.42 29.28 42.32
C ILE A 197 17.99 28.76 43.62
N PRO A 198 18.93 27.78 43.59
CA PRO A 198 19.55 27.24 44.80
C PRO A 198 20.12 28.33 45.74
N GLU A 199 20.06 28.06 47.05
CA GLU A 199 20.52 28.98 48.09
C GLU A 199 22.03 29.23 47.94
N ASP A 200 22.77 28.17 47.60
CA ASP A 200 24.23 28.20 47.53
C ASP A 200 24.71 28.55 46.11
N THR A 201 23.90 29.31 45.35
CA THR A 201 24.28 29.77 44.01
C THR A 201 25.46 30.74 44.14
N PHE A 202 26.54 30.46 43.38
CA PHE A 202 27.76 31.26 43.39
C PHE A 202 27.56 32.51 42.51
N PHE A 203 27.66 33.69 43.15
CA PHE A 203 27.71 34.98 42.47
C PHE A 203 29.09 35.59 42.68
N PRO A 204 30.01 35.52 41.69
CA PRO A 204 31.35 36.10 41.82
C PRO A 204 31.36 37.63 41.69
N SER A 205 32.45 38.25 42.16
CA SER A 205 32.74 39.66 41.91
C SER A 205 34.14 40.00 42.46
N ALA B 3 21.95 3.03 0.36
CA ALA B 3 21.07 3.72 -0.63
C ALA B 3 20.69 5.11 -0.11
N ALA B 4 21.40 6.15 -0.61
CA ALA B 4 21.25 7.53 -0.12
C ALA B 4 20.31 8.34 -1.01
N VAL B 5 19.71 9.38 -0.42
CA VAL B 5 18.75 10.28 -1.06
C VAL B 5 19.00 11.69 -0.53
N THR B 6 19.04 12.69 -1.42
CA THR B 6 19.28 14.08 -1.03
C THR B 6 18.10 14.96 -1.47
N GLN B 7 17.90 16.06 -0.74
CA GLN B 7 16.83 17.01 -0.99
C GLN B 7 17.41 18.42 -1.05
N SER B 8 16.88 19.23 -1.98
CA SER B 8 17.23 20.65 -2.04
C SER B 8 15.99 21.46 -2.39
N PRO B 9 15.78 22.66 -1.78
CA PRO B 9 16.64 23.14 -0.70
C PRO B 9 16.33 22.38 0.59
N ARG B 10 17.08 22.63 1.65
CA ARG B 10 16.84 22.00 2.94
C ARG B 10 15.89 22.88 3.77
N ASN B 11 15.81 24.15 3.42
CA ASN B 11 15.00 25.12 4.12
C ASN B 11 14.64 26.23 3.13
N LYS B 12 13.38 26.68 3.17
CA LYS B 12 12.89 27.69 2.22
C LYS B 12 11.81 28.54 2.88
N VAL B 13 11.94 29.87 2.75
CA VAL B 13 10.92 30.84 3.09
C VAL B 13 10.36 31.41 1.77
N ALA B 14 9.04 31.28 1.60
CA ALA B 14 8.34 31.68 0.41
C ALA B 14 7.16 32.59 0.78
N VAL B 15 6.63 33.28 -0.24
CA VAL B 15 5.45 34.12 -0.10
C VAL B 15 4.26 33.43 -0.79
N THR B 16 3.06 33.63 -0.23
CA THR B 16 1.80 33.19 -0.84
C THR B 16 1.74 33.67 -2.30
N GLY B 17 1.36 32.75 -3.20
CA GLY B 17 1.16 33.06 -4.61
C GLY B 17 2.42 32.82 -5.45
N GLY B 18 3.56 32.64 -4.78
CA GLY B 18 4.84 32.38 -5.45
C GLY B 18 4.98 30.92 -5.81
N LYS B 19 5.94 30.64 -6.70
CA LYS B 19 6.22 29.29 -7.16
C LYS B 19 7.40 28.72 -6.34
N VAL B 20 7.21 27.50 -5.83
CA VAL B 20 8.23 26.79 -5.06
C VAL B 20 8.42 25.40 -5.68
N THR B 21 9.69 25.02 -5.87
CA THR B 21 10.06 23.69 -6.36
C THR B 21 10.96 23.03 -5.31
N LEU B 22 10.52 21.87 -4.81
CA LEU B 22 11.31 21.02 -3.93
C LEU B 22 11.87 19.85 -4.75
N SER B 23 13.18 19.62 -4.64
CA SER B 23 13.86 18.64 -5.48
C SER B 23 14.42 17.50 -4.62
N CYS B 24 14.41 16.30 -5.22
CA CYS B 24 14.92 15.10 -4.62
C CYS B 24 15.77 14.36 -5.65
N ASN B 25 17.00 13.98 -5.25
CA ASN B 25 17.95 13.28 -6.10
C ASN B 25 18.41 11.99 -5.41
N GLN B 26 18.46 10.90 -6.19
CA GLN B 26 18.98 9.62 -5.73
C GLN B 26 19.76 8.97 -6.88
N THR B 27 20.92 8.42 -6.56
CA THR B 27 21.80 7.78 -7.52
C THR B 27 21.82 6.26 -7.27
N ASN B 28 20.72 5.71 -6.76
CA ASN B 28 20.59 4.30 -6.42
C ASN B 28 20.08 3.49 -7.63
N ASN B 29 19.72 4.20 -8.70
CA ASN B 29 19.01 3.66 -9.87
C ASN B 29 17.69 3.02 -9.42
N HIS B 30 17.03 3.63 -8.43
CA HIS B 30 15.72 3.20 -7.97
C HIS B 30 14.65 3.70 -8.95
N ASN B 31 13.75 2.81 -9.36
CA ASN B 31 12.63 3.19 -10.23
C ASN B 31 11.66 4.12 -9.48
N ASN B 32 11.48 3.88 -8.18
CA ASN B 32 10.30 4.38 -7.48
C ASN B 32 10.70 5.49 -6.51
N MET B 33 9.95 6.60 -6.56
CA MET B 33 10.19 7.75 -5.67
C MET B 33 8.84 8.29 -5.17
N TYR B 34 8.89 8.92 -3.99
CA TYR B 34 7.72 9.24 -3.18
C TYR B 34 7.94 10.57 -2.46
N TRP B 35 6.90 11.40 -2.44
CA TRP B 35 6.90 12.67 -1.71
C TRP B 35 5.84 12.60 -0.61
N TYR B 36 6.25 12.96 0.61
CA TYR B 36 5.40 13.04 1.79
C TYR B 36 5.53 14.42 2.43
N ARG B 37 4.53 14.82 3.21
CA ARG B 37 4.68 15.93 4.15
C ARG B 37 4.33 15.45 5.56
N GLN B 38 5.03 16.05 6.54
CA GLN B 38 4.86 15.75 7.96
C GLN B 38 4.39 17.01 8.69
N ASP B 39 3.21 16.92 9.30
CA ASP B 39 2.61 18.00 10.07
C ASP B 39 2.32 17.50 11.48
N THR B 40 2.50 18.39 12.46
CA THR B 40 2.28 18.07 13.87
C THR B 40 0.87 17.49 14.03
N GLY B 41 0.75 16.43 14.82
CA GLY B 41 -0.51 15.75 15.07
C GLY B 41 -0.86 14.72 14.01
N HIS B 42 -0.05 14.62 12.95
CA HIS B 42 -0.28 13.69 11.85
C HIS B 42 0.98 12.85 11.62
N GLY B 43 0.77 11.63 11.09
CA GLY B 43 1.85 10.86 10.50
C GLY B 43 2.20 11.43 9.14
N LEU B 44 3.34 11.02 8.57
CA LEU B 44 3.68 11.39 7.20
C LEU B 44 2.50 11.01 6.29
N ARG B 45 2.19 11.87 5.32
CA ARG B 45 1.11 11.66 4.36
C ARG B 45 1.67 11.78 2.94
N LEU B 46 1.32 10.80 2.09
CA LEU B 46 1.79 10.69 0.71
C LEU B 46 1.07 11.72 -0.17
N ILE B 47 1.86 12.53 -0.90
CA ILE B 47 1.37 13.59 -1.77
C ILE B 47 1.33 13.07 -3.22
N HIS B 48 2.51 12.72 -3.75
CA HIS B 48 2.69 12.19 -5.09
C HIS B 48 3.79 11.11 -5.05
N TYR B 49 3.78 10.21 -6.03
CA TYR B 49 4.83 9.23 -6.21
C TYR B 49 5.04 8.98 -7.71
N SER B 50 6.05 8.17 -8.03
CA SER B 50 6.46 7.96 -9.42
C SER B 50 7.11 6.58 -9.54
N TYR B 51 6.73 5.83 -10.58
CA TYR B 51 7.30 4.52 -10.87
C TYR B 51 8.41 4.60 -11.93
N GLY B 52 8.72 5.82 -12.41
CA GLY B 52 9.83 6.02 -13.34
C GLY B 52 9.74 7.33 -14.08
N ALA B 53 10.81 7.65 -14.81
CA ALA B 53 10.88 8.87 -15.63
C ALA B 53 9.58 9.00 -16.44
N GLY B 54 8.93 10.17 -16.34
CA GLY B 54 7.68 10.43 -17.06
C GLY B 54 6.44 10.05 -16.26
N SER B 55 6.58 9.13 -15.28
CA SER B 55 5.45 8.70 -14.45
C SER B 55 5.31 9.66 -13.28
N THR B 56 4.08 10.16 -13.08
CA THR B 56 3.69 10.76 -11.81
C THR B 56 2.29 10.24 -11.48
N GLU B 57 2.10 9.93 -10.19
CA GLU B 57 0.85 9.39 -9.68
C GLU B 57 0.44 10.19 -8.44
N LYS B 58 -0.87 10.44 -8.33
CA LYS B 58 -1.43 11.11 -7.17
C LYS B 58 -1.40 10.18 -5.96
N GLY B 59 -1.02 10.75 -4.80
CA GLY B 59 -1.06 10.07 -3.52
C GLY B 59 -2.37 10.36 -2.80
N ASP B 60 -2.29 10.46 -1.48
CA ASP B 60 -3.47 10.64 -0.64
C ASP B 60 -3.88 12.13 -0.60
N ILE B 61 -2.91 13.05 -0.64
CA ILE B 61 -3.20 14.48 -0.50
C ILE B 61 -2.51 15.28 -1.62
N PRO B 62 -2.86 15.02 -2.90
CA PRO B 62 -2.18 15.66 -4.02
C PRO B 62 -2.53 17.14 -4.29
N ASP B 63 -3.67 17.62 -3.78
CA ASP B 63 -4.23 18.93 -4.16
C ASP B 63 -3.24 20.06 -3.78
N GLY B 64 -2.95 20.93 -4.75
CA GLY B 64 -2.08 22.09 -4.57
C GLY B 64 -0.63 21.80 -4.94
N TYR B 65 -0.35 20.56 -5.35
CA TYR B 65 0.98 20.10 -5.72
C TYR B 65 0.95 19.48 -7.12
N LYS B 66 2.04 19.70 -7.87
CA LYS B 66 2.33 19.00 -9.10
C LYS B 66 3.66 18.27 -8.91
N ALA B 67 3.72 17.03 -9.40
CA ALA B 67 4.94 16.23 -9.37
C ALA B 67 5.56 16.25 -10.77
N SER B 68 6.88 16.07 -10.81
CA SER B 68 7.65 15.99 -12.05
C SER B 68 8.80 14.99 -11.88
N ARG B 69 8.88 14.02 -12.80
CA ARG B 69 9.95 13.03 -12.80
C ARG B 69 10.69 13.12 -14.14
N PRO B 70 11.59 14.12 -14.34
CA PRO B 70 12.26 14.29 -15.62
C PRO B 70 13.25 13.15 -15.95
N SER B 71 13.79 12.51 -14.91
CA SER B 71 14.80 11.47 -15.03
C SER B 71 14.61 10.46 -13.91
N GLN B 72 15.34 9.33 -14.03
CA GLN B 72 15.39 8.29 -13.00
C GLN B 72 15.90 8.89 -11.69
N GLU B 73 16.84 9.85 -11.80
CA GLU B 73 17.56 10.39 -10.65
C GLU B 73 16.73 11.44 -9.86
N ASN B 74 15.91 12.23 -10.56
N ASN B 74 15.95 12.26 -10.57
CA ASN B 74 15.33 13.45 -9.97
CA ASN B 74 15.32 13.46 -9.98
C ASN B 74 13.79 13.35 -9.94
C ASN B 74 13.80 13.31 -9.93
N PHE B 75 13.22 13.69 -8.79
CA PHE B 75 11.77 13.78 -8.59
C PHE B 75 11.48 15.10 -7.88
N SER B 76 10.66 15.96 -8.52
CA SER B 76 10.40 17.31 -8.03
C SER B 76 8.94 17.45 -7.61
N LEU B 77 8.73 18.24 -6.56
CA LEU B 77 7.44 18.66 -6.07
C LEU B 77 7.30 20.16 -6.33
N ILE B 78 6.29 20.54 -7.12
CA ILE B 78 6.10 21.90 -7.57
C ILE B 78 4.81 22.46 -6.94
N LEU B 79 4.97 23.53 -6.16
CA LEU B 79 3.88 24.33 -5.63
C LEU B 79 3.74 25.56 -6.54
N GLU B 80 2.77 25.52 -7.45
CA GLU B 80 2.61 26.52 -8.49
C GLU B 80 2.20 27.85 -7.85
N LEU B 81 1.22 27.79 -6.93
CA LEU B 81 0.72 28.95 -6.19
C LEU B 81 0.75 28.63 -4.69
N ALA B 82 1.88 28.92 -4.05
CA ALA B 82 2.13 28.52 -2.67
C ALA B 82 1.09 29.17 -1.74
N THR B 83 0.65 28.41 -0.73
CA THR B 83 -0.28 28.89 0.29
C THR B 83 0.28 28.58 1.67
N PRO B 84 -0.08 29.35 2.71
CA PRO B 84 0.33 29.06 4.09
C PRO B 84 0.05 27.63 4.59
N SER B 85 -1.00 27.00 4.05
CA SER B 85 -1.37 25.64 4.41
C SER B 85 -0.28 24.64 3.99
N GLN B 86 0.63 25.06 3.11
CA GLN B 86 1.71 24.21 2.59
C GLN B 86 2.99 24.38 3.43
N THR B 87 2.95 25.24 4.45
CA THR B 87 3.99 25.26 5.48
C THR B 87 4.07 23.87 6.11
N SER B 88 5.24 23.23 6.02
CA SER B 88 5.39 21.83 6.42
C SER B 88 6.86 21.42 6.35
N VAL B 89 7.11 20.16 6.75
CA VAL B 89 8.35 19.48 6.49
C VAL B 89 8.06 18.39 5.46
N TYR B 90 8.83 18.41 4.36
CA TYR B 90 8.61 17.55 3.21
C TYR B 90 9.72 16.51 3.15
N PHE B 91 9.33 15.25 2.97
CA PHE B 91 10.26 14.13 2.86
C PHE B 91 10.07 13.44 1.52
N CYS B 92 11.19 13.20 0.83
CA CYS B 92 11.22 12.37 -0.36
C CYS B 92 11.85 11.02 0.03
N ALA B 93 11.39 9.95 -0.63
CA ALA B 93 11.98 8.62 -0.47
C ALA B 93 12.10 7.96 -1.84
N SER B 94 12.98 6.96 -1.92
CA SER B 94 13.09 6.11 -3.10
C SER B 94 13.16 4.64 -2.67
N GLY B 95 12.91 3.76 -3.64
CA GLY B 95 13.15 2.34 -3.45
C GLY B 95 13.04 1.58 -4.75
N ASP B 96 13.41 0.30 -4.69
CA ASP B 96 13.34 -0.59 -5.84
C ASP B 96 12.04 -1.39 -5.68
N GLU B 97 12.02 -2.64 -6.20
CA GLU B 97 10.82 -3.48 -6.17
C GLU B 97 10.50 -3.95 -4.74
N GLY B 98 11.50 -3.93 -3.85
CA GLY B 98 11.32 -4.27 -2.42
C GLY B 98 10.51 -3.23 -1.68
N TYR B 99 10.02 -3.57 -0.48
CA TYR B 99 9.10 -2.70 0.24
C TYR B 99 9.82 -1.50 0.89
N THR B 100 11.14 -1.58 1.08
CA THR B 100 11.86 -0.55 1.83
C THR B 100 11.82 0.78 1.05
N GLN B 101 11.44 1.86 1.75
CA GLN B 101 11.58 3.21 1.23
C GLN B 101 12.70 3.89 2.00
N TYR B 102 13.67 4.42 1.25
CA TYR B 102 14.83 5.09 1.81
C TYR B 102 14.57 6.60 1.79
N PHE B 103 14.49 7.20 2.99
CA PHE B 103 14.03 8.58 3.16
C PHE B 103 15.19 9.57 3.07
N GLY B 104 14.91 10.73 2.47
CA GLY B 104 15.79 11.87 2.49
C GLY B 104 15.72 12.60 3.83
N PRO B 105 16.56 13.63 4.04
CA PRO B 105 16.69 14.29 5.34
C PRO B 105 15.60 15.33 5.66
N GLY B 106 14.71 15.60 4.69
CA GLY B 106 13.60 16.51 4.88
C GLY B 106 13.93 17.94 4.45
N THR B 107 12.89 18.67 4.04
CA THR B 107 12.94 20.07 3.67
C THR B 107 11.88 20.84 4.46
N ARG B 108 12.29 21.92 5.14
CA ARG B 108 11.38 22.77 5.89
C ARG B 108 10.93 23.95 5.01
N LEU B 109 9.62 24.07 4.80
CA LEU B 109 9.05 25.15 4.01
C LEU B 109 8.11 25.98 4.89
N LEU B 110 8.34 27.30 4.89
CA LEU B 110 7.43 28.27 5.49
C LEU B 110 6.92 29.18 4.38
N VAL B 111 5.59 29.24 4.23
CA VAL B 111 4.95 30.17 3.30
C VAL B 111 4.34 31.31 4.12
N LEU B 112 4.88 32.52 3.96
CA LEU B 112 4.39 33.73 4.62
C LEU B 112 3.34 34.40 3.75
N GLU B 113 2.45 35.19 4.38
CA GLU B 113 1.45 35.98 3.66
C GLU B 113 2.15 37.12 2.91
N ASP B 114 3.22 37.65 3.52
CA ASP B 114 3.95 38.81 3.01
C ASP B 114 5.39 38.73 3.54
N LEU B 115 6.33 39.34 2.80
CA LEU B 115 7.77 39.26 3.12
C LEU B 115 8.29 40.56 3.75
N ARG B 116 7.39 41.49 4.12
CA ARG B 116 7.78 42.86 4.48
C ARG B 116 8.63 42.89 5.76
N ASN B 117 8.47 41.89 6.63
CA ASN B 117 9.11 41.89 7.96
C ASN B 117 10.40 41.05 7.99
N VAL B 118 10.73 40.40 6.86
CA VAL B 118 11.87 39.49 6.81
C VAL B 118 13.15 40.30 7.09
N THR B 119 13.96 39.81 8.05
CA THR B 119 15.15 40.52 8.55
C THR B 119 16.19 39.50 8.99
N PRO B 120 17.47 39.64 8.56
CA PRO B 120 18.52 38.71 8.98
C PRO B 120 18.97 38.97 10.41
N PRO B 121 19.64 38.01 11.07
CA PRO B 121 20.11 38.21 12.44
C PRO B 121 21.36 39.09 12.53
N LYS B 122 21.47 39.77 13.67
CA LYS B 122 22.75 40.19 14.22
C LYS B 122 23.28 39.04 15.06
N VAL B 123 24.59 38.79 15.01
CA VAL B 123 25.18 37.71 15.76
C VAL B 123 26.35 38.26 16.59
N SER B 124 26.33 37.95 17.89
CA SER B 124 27.35 38.32 18.84
C SER B 124 27.86 37.07 19.56
N LEU B 125 29.17 37.03 19.78
CA LEU B 125 29.83 35.97 20.54
C LEU B 125 30.33 36.56 21.87
N PHE B 126 29.93 35.91 22.97
CA PHE B 126 30.29 36.33 24.32
C PHE B 126 31.34 35.35 24.87
N GLU B 127 32.45 35.91 25.35
CA GLU B 127 33.62 35.13 25.71
C GLU B 127 33.49 34.66 27.15
N PRO B 128 34.14 33.52 27.52
CA PRO B 128 33.97 32.90 28.83
C PRO B 128 34.39 33.82 29.99
N SER B 129 33.67 33.67 31.11
CA SER B 129 33.95 34.38 32.36
C SER B 129 35.25 33.83 32.98
N LYS B 130 36.14 34.73 33.39
CA LYS B 130 37.35 34.37 34.15
C LYS B 130 36.94 33.67 35.46
N ALA B 131 35.79 34.06 36.03
CA ALA B 131 35.25 33.48 37.26
C ALA B 131 34.86 32.01 37.06
N GLU B 132 34.26 31.68 35.90
CA GLU B 132 33.88 30.30 35.58
C GLU B 132 35.14 29.44 35.46
N ILE B 133 36.16 29.98 34.76
CA ILE B 133 37.40 29.27 34.48
C ILE B 133 38.08 28.89 35.81
N SER B 134 38.11 29.84 36.75
CA SER B 134 38.76 29.61 38.05
C SER B 134 37.91 28.66 38.91
N HIS B 135 36.58 28.76 38.81
CA HIS B 135 35.66 27.99 39.66
C HIS B 135 35.53 26.54 39.18
N THR B 136 35.56 26.31 37.86
CA THR B 136 35.17 25.01 37.27
C THR B 136 36.27 24.38 36.40
N GLN B 137 37.28 25.16 36.02
CA GLN B 137 38.27 24.78 34.99
C GLN B 137 37.56 24.47 33.67
N LYS B 138 36.42 25.14 33.43
CA LYS B 138 35.68 25.04 32.18
C LYS B 138 35.39 26.46 31.69
N ALA B 139 35.10 26.56 30.39
CA ALA B 139 34.91 27.83 29.72
C ALA B 139 33.72 27.75 28.76
N THR B 140 32.66 28.50 29.07
CA THR B 140 31.44 28.52 28.26
C THR B 140 31.45 29.77 27.38
N LEU B 141 31.38 29.57 26.07
CA LEU B 141 31.10 30.63 25.10
C LEU B 141 29.59 30.66 24.85
N VAL B 142 29.05 31.86 24.67
CA VAL B 142 27.64 32.05 24.35
C VAL B 142 27.54 32.84 23.03
N CYS B 143 26.70 32.32 22.14
CA CYS B 143 26.36 32.95 20.90
C CYS B 143 24.91 33.44 20.95
N LEU B 144 24.69 34.65 20.46
CA LEU B 144 23.40 35.31 20.49
C LEU B 144 23.07 35.81 19.09
N ALA B 145 21.99 35.27 18.51
CA ALA B 145 21.39 35.77 17.27
C ALA B 145 20.14 36.56 17.63
N THR B 146 20.05 37.81 17.16
CA THR B 146 18.97 38.72 17.54
C THR B 146 18.40 39.44 16.32
N GLY B 147 17.12 39.80 16.42
CA GLY B 147 16.47 40.75 15.54
C GLY B 147 16.07 40.15 14.21
N PHE B 148 15.94 38.82 14.13
CA PHE B 148 15.67 38.16 12.85
C PHE B 148 14.20 37.76 12.72
N TYR B 149 13.75 37.63 11.47
CA TYR B 149 12.41 37.19 11.13
C TYR B 149 12.41 36.62 9.71
N PRO B 150 11.75 35.48 9.41
CA PRO B 150 11.09 34.63 10.41
C PRO B 150 12.11 33.78 11.18
N ASP B 151 11.68 32.67 11.78
CA ASP B 151 12.51 31.92 12.74
C ASP B 151 13.27 30.77 12.07
N HIS B 152 13.49 30.83 10.75
CA HIS B 152 14.18 29.76 10.01
C HIS B 152 15.69 30.05 9.99
N VAL B 153 16.37 29.62 11.05
CA VAL B 153 17.82 29.78 11.19
C VAL B 153 18.43 28.44 11.63
N GLU B 154 19.69 28.22 11.25
CA GLU B 154 20.48 27.07 11.70
C GLU B 154 21.76 27.62 12.34
N LEU B 155 21.93 27.39 13.64
CA LEU B 155 23.10 27.88 14.38
C LEU B 155 24.08 26.71 14.53
N SER B 156 25.36 26.97 14.21
CA SER B 156 26.39 25.96 14.33
C SER B 156 27.67 26.59 14.89
N TRP B 157 28.50 25.75 15.54
CA TRP B 157 29.80 26.14 16.09
C TRP B 157 30.93 25.52 15.28
N TRP B 158 31.99 26.31 15.08
CA TRP B 158 33.16 25.92 14.31
C TRP B 158 34.41 26.29 15.10
N VAL B 159 35.30 25.30 15.28
CA VAL B 159 36.61 25.51 15.85
C VAL B 159 37.65 25.15 14.79
N ASN B 160 38.49 26.12 14.44
CA ASN B 160 39.55 25.95 13.45
C ASN B 160 38.95 25.39 12.15
N GLY B 161 37.78 25.92 11.76
CA GLY B 161 37.18 25.63 10.48
C GLY B 161 36.50 24.28 10.38
N LYS B 162 36.31 23.59 11.52
CA LYS B 162 35.58 22.32 11.54
C LYS B 162 34.44 22.42 12.58
N GLU B 163 33.27 21.91 12.20
CA GLU B 163 32.07 22.03 12.99
C GLU B 163 32.21 21.13 14.23
N VAL B 164 31.77 21.65 15.39
CA VAL B 164 31.81 20.91 16.66
C VAL B 164 30.37 20.71 17.14
N HIS B 165 30.12 19.55 17.75
CA HIS B 165 28.82 19.21 18.34
C HIS B 165 28.96 18.95 19.84
N SER B 166 30.07 18.36 20.26
CA SER B 166 30.32 18.07 21.67
C SER B 166 30.35 19.38 22.47
N GLY B 167 29.63 19.39 23.61
CA GLY B 167 29.62 20.50 24.53
C GLY B 167 28.75 21.66 24.05
N VAL B 168 27.92 21.40 23.02
CA VAL B 168 27.07 22.43 22.45
C VAL B 168 25.64 22.18 22.93
N CYS B 169 24.91 23.26 23.21
CA CYS B 169 23.47 23.17 23.25
C CYS B 169 22.86 24.51 22.80
N THR B 170 21.88 24.40 21.90
CA THR B 170 21.20 25.54 21.31
C THR B 170 19.73 25.50 21.75
N ASP B 171 19.15 26.67 22.04
CA ASP B 171 17.75 26.77 22.49
C ASP B 171 16.86 26.03 21.51
N PRO B 172 15.88 25.24 21.98
CA PRO B 172 15.04 24.42 21.10
C PRO B 172 14.24 25.29 20.12
N GLN B 173 13.79 26.48 20.54
CA GLN B 173 13.14 27.43 19.61
C GLN B 173 13.54 28.86 19.97
N PRO B 174 13.60 29.77 18.97
CA PRO B 174 13.83 31.19 19.25
C PRO B 174 12.75 31.79 20.17
N LEU B 175 13.09 32.88 20.86
CA LEU B 175 12.11 33.62 21.65
C LEU B 175 11.77 34.92 20.92
N LYS B 176 10.56 35.44 21.18
CA LYS B 176 10.07 36.67 20.59
C LYS B 176 10.61 37.87 21.37
N GLU B 177 11.09 38.88 20.65
CA GLU B 177 11.66 40.09 21.25
C GLU B 177 10.53 41.04 21.68
N GLN B 178 9.42 41.04 20.92
CA GLN B 178 8.23 41.84 21.23
C GLN B 178 7.00 40.92 21.17
N PRO B 179 6.74 40.09 22.21
CA PRO B 179 5.66 39.10 22.16
C PRO B 179 4.25 39.68 21.96
N ALA B 180 4.08 40.98 22.24
CA ALA B 180 2.83 41.69 22.02
C ALA B 180 2.54 41.84 20.52
N LEU B 181 3.59 42.09 19.72
CA LEU B 181 3.47 42.44 18.30
C LEU B 181 3.24 41.16 17.47
N ASN B 182 2.62 41.35 16.29
CA ASN B 182 2.18 40.26 15.41
C ASN B 182 3.39 39.55 14.80
N ASP B 183 4.22 40.32 14.08
CA ASP B 183 5.42 39.79 13.43
C ASP B 183 6.65 40.20 14.25
N SER B 184 6.69 39.71 15.50
CA SER B 184 7.81 39.96 16.40
C SER B 184 9.08 39.36 15.80
N ARG B 185 10.18 40.10 15.91
CA ARG B 185 11.52 39.57 15.63
C ARG B 185 11.85 38.51 16.68
N TYR B 186 12.86 37.69 16.40
CA TYR B 186 13.24 36.58 17.27
C TYR B 186 14.70 36.73 17.74
N SER B 187 14.99 36.13 18.89
CA SER B 187 16.33 35.91 19.40
C SER B 187 16.56 34.41 19.62
N LEU B 188 17.82 33.97 19.46
CA LEU B 188 18.24 32.59 19.71
C LEU B 188 19.62 32.62 20.34
N SER B 189 19.82 31.78 21.38
CA SER B 189 21.10 31.67 22.03
C SER B 189 21.61 30.23 21.92
N SER B 190 22.94 30.10 22.01
CA SER B 190 23.59 28.82 22.01
C SER B 190 24.82 28.89 22.92
N ARG B 191 25.20 27.74 23.47
CA ARG B 191 26.33 27.64 24.35
C ARG B 191 27.29 26.58 23.78
N LEU B 192 28.59 26.90 23.85
CA LEU B 192 29.66 25.95 23.61
C LEU B 192 30.58 25.96 24.84
N ARG B 193 30.69 24.82 25.50
CA ARG B 193 31.52 24.68 26.70
C ARG B 193 32.72 23.77 26.37
N VAL B 194 33.91 24.29 26.68
CA VAL B 194 35.18 23.60 26.46
C VAL B 194 35.96 23.65 27.78
N SER B 195 37.06 22.88 27.86
CA SER B 195 37.99 22.96 28.99
C SER B 195 38.69 24.33 28.96
N ALA B 196 39.10 24.81 30.13
CA ALA B 196 39.81 26.10 30.26
C ALA B 196 41.06 26.10 29.37
N THR B 197 41.80 24.98 29.36
CA THR B 197 43.05 24.88 28.61
C THR B 197 42.79 24.98 27.09
N PHE B 198 41.61 24.52 26.64
CA PHE B 198 41.25 24.59 25.23
C PHE B 198 40.97 26.05 24.85
N TRP B 199 40.18 26.74 25.68
CA TRP B 199 39.90 28.15 25.48
C TRP B 199 41.17 28.99 25.62
N GLN B 200 42.09 28.58 26.50
CA GLN B 200 43.29 29.36 26.80
C GLN B 200 44.35 29.25 25.69
N ASN B 201 44.13 28.32 24.75
CA ASN B 201 45.07 28.08 23.64
C ASN B 201 44.82 29.10 22.53
N PRO B 202 45.78 30.01 22.26
CA PRO B 202 45.58 31.05 21.23
C PRO B 202 45.65 30.56 19.78
N ARG B 203 45.92 29.27 19.56
CA ARG B 203 45.85 28.63 18.24
C ARG B 203 44.41 28.22 17.92
N ASN B 204 43.49 28.32 18.89
CA ASN B 204 42.09 27.90 18.70
C ASN B 204 41.22 29.10 18.30
N HIS B 205 40.64 29.00 17.09
CA HIS B 205 39.75 30.00 16.55
C HIS B 205 38.30 29.49 16.64
N PHE B 206 37.47 30.23 17.40
CA PHE B 206 36.08 29.89 17.65
C PHE B 206 35.18 30.77 16.77
N ARG B 207 34.17 30.15 16.16
CA ARG B 207 33.18 30.89 15.39
C ARG B 207 31.79 30.29 15.61
N CYS B 208 30.83 31.18 15.90
CA CYS B 208 29.42 30.88 15.86
C CYS B 208 28.85 31.40 14.54
N GLN B 209 28.18 30.51 13.80
CA GLN B 209 27.60 30.79 12.50
C GLN B 209 26.08 30.62 12.57
N VAL B 210 25.35 31.58 12.00
CA VAL B 210 23.91 31.45 11.82
C VAL B 210 23.60 31.52 10.32
N GLN B 211 23.14 30.40 9.77
CA GLN B 211 22.56 30.38 8.43
C GLN B 211 21.12 30.88 8.53
N PHE B 212 20.84 32.00 7.86
CA PHE B 212 19.51 32.61 7.83
C PHE B 212 18.85 32.29 6.49
N TYR B 213 17.59 31.87 6.54
CA TYR B 213 16.80 31.62 5.35
C TYR B 213 15.81 32.79 5.17
N GLY B 214 15.95 33.47 4.03
CA GLY B 214 15.17 34.64 3.70
C GLY B 214 14.82 34.66 2.24
N LEU B 215 14.97 35.83 1.60
CA LEU B 215 14.56 36.02 0.21
C LEU B 215 15.59 35.40 -0.73
N SER B 216 15.12 35.03 -1.92
CA SER B 216 15.99 34.63 -3.02
C SER B 216 16.32 35.87 -3.85
N GLU B 217 17.23 35.69 -4.81
CA GLU B 217 17.67 36.73 -5.75
C GLU B 217 16.48 37.28 -6.54
N ASN B 218 15.50 36.41 -6.84
CA ASN B 218 14.41 36.70 -7.76
C ASN B 218 13.20 37.30 -7.04
N ASP B 219 13.19 37.28 -5.70
CA ASP B 219 12.10 37.87 -4.91
C ASP B 219 12.14 39.40 -5.07
N GLU B 220 10.96 40.01 -5.21
CA GLU B 220 10.81 41.45 -5.35
C GLU B 220 11.02 42.11 -3.98
N TRP B 221 11.69 43.28 -3.98
CA TRP B 221 11.93 44.05 -2.76
C TRP B 221 11.71 45.54 -3.06
N THR B 222 10.76 46.16 -2.34
CA THR B 222 10.31 47.53 -2.62
C THR B 222 10.79 48.50 -1.52
N GLN B 223 11.17 47.97 -0.34
CA GLN B 223 11.61 48.78 0.79
C GLN B 223 13.03 49.31 0.54
N ASP B 224 13.42 50.31 1.33
CA ASP B 224 14.67 51.04 1.16
C ASP B 224 15.85 50.25 1.77
N ARG B 225 15.60 49.55 2.89
CA ARG B 225 16.65 48.79 3.59
C ARG B 225 17.19 47.68 2.68
N ALA B 226 18.32 47.09 3.10
CA ALA B 226 18.97 46.00 2.35
C ALA B 226 17.99 44.84 2.19
N LYS B 227 17.97 44.26 0.98
CA LYS B 227 17.16 43.08 0.68
C LYS B 227 17.56 41.93 1.60
N PRO B 228 16.65 41.40 2.44
CA PRO B 228 17.01 40.40 3.45
C PRO B 228 17.11 38.97 2.90
N VAL B 229 18.15 38.74 2.10
CA VAL B 229 18.35 37.48 1.40
C VAL B 229 18.86 36.41 2.36
N THR B 230 18.68 35.15 1.96
CA THR B 230 19.35 34.00 2.56
C THR B 230 20.85 34.31 2.66
N GLN B 231 21.43 34.13 3.85
CA GLN B 231 22.81 34.53 4.12
C GLN B 231 23.31 33.92 5.44
N ILE B 232 24.63 33.85 5.57
CA ILE B 232 25.31 33.50 6.81
C ILE B 232 25.73 34.79 7.51
N VAL B 233 25.50 34.84 8.83
CA VAL B 233 26.01 35.86 9.71
C VAL B 233 26.77 35.13 10.81
N SER B 234 27.98 35.61 11.14
CA SER B 234 28.82 34.92 12.12
C SER B 234 29.58 35.91 13.00
N ALA B 235 30.10 35.37 14.11
CA ALA B 235 30.97 36.10 15.03
C ALA B 235 32.04 35.13 15.51
N GLU B 236 33.23 35.66 15.81
CA GLU B 236 34.37 34.82 16.09
C GLU B 236 35.23 35.44 17.20
N ALA B 237 36.07 34.59 17.79
CA ALA B 237 37.07 35.00 18.76
C ALA B 237 38.16 33.93 18.83
N TRP B 238 39.37 34.37 19.18
CA TRP B 238 40.51 33.49 19.41
C TRP B 238 40.62 33.19 20.90
N GLY B 239 40.99 31.95 21.23
CA GLY B 239 41.42 31.61 22.57
C GLY B 239 42.57 32.49 23.01
N ARG B 240 42.75 32.63 24.33
CA ARG B 240 43.86 33.40 24.92
C ARG B 240 44.05 32.99 26.38
N ALA B 241 45.30 33.12 26.84
CA ALA B 241 45.72 32.76 28.20
C ALA B 241 44.91 33.53 29.23
N ASN C 7 -9.99 -39.89 -11.39
CA ASN C 7 -9.20 -38.64 -11.22
C ASN C 7 -10.15 -37.43 -11.35
N TYR C 8 -10.02 -36.49 -10.41
CA TYR C 8 -10.85 -35.29 -10.37
C TYR C 8 -9.94 -34.06 -10.38
N THR C 9 -10.31 -33.07 -11.20
CA THR C 9 -9.64 -31.78 -11.22
C THR C 9 -10.51 -30.75 -10.50
N PHE C 10 -9.91 -30.12 -9.50
CA PHE C 10 -10.49 -29.02 -8.76
C PHE C 10 -9.97 -27.71 -9.36
N ARG C 11 -10.89 -26.84 -9.81
CA ARG C 11 -10.55 -25.59 -10.51
C ARG C 11 -11.25 -24.41 -9.82
N CYS C 12 -10.46 -23.46 -9.32
CA CYS C 12 -10.92 -22.14 -8.90
C CYS C 12 -10.71 -21.16 -10.05
N LEU C 13 -11.80 -20.62 -10.59
CA LEU C 13 -11.76 -19.75 -11.77
C LEU C 13 -12.15 -18.32 -11.36
N GLN C 14 -11.21 -17.39 -11.52
CA GLN C 14 -11.37 -15.98 -11.22
C GLN C 14 -11.36 -15.18 -12.52
N MET C 15 -12.34 -14.28 -12.67
CA MET C 15 -12.45 -13.37 -13.80
C MET C 15 -12.52 -11.96 -13.23
N SER C 16 -11.58 -11.12 -13.63
CA SER C 16 -11.48 -9.75 -13.15
C SER C 16 -11.48 -8.80 -14.34
N SER C 17 -12.42 -7.85 -14.31
N SER C 17 -12.37 -7.80 -14.28
CA SER C 17 -12.55 -6.80 -15.33
CA SER C 17 -12.55 -6.81 -15.34
C SER C 17 -12.11 -5.47 -14.70
C SER C 17 -12.22 -5.42 -14.79
N PHE C 18 -11.21 -4.77 -15.38
CA PHE C 18 -10.80 -3.41 -15.02
C PHE C 18 -11.15 -2.50 -16.21
N ALA C 19 -12.20 -1.69 -16.06
CA ALA C 19 -12.75 -0.87 -17.15
C ALA C 19 -11.91 0.39 -17.33
N ASN C 20 -11.44 0.96 -16.21
CA ASN C 20 -10.64 2.18 -16.17
C ASN C 20 -9.95 2.22 -14.79
N ARG C 21 -9.33 3.36 -14.46
CA ARG C 21 -8.56 3.53 -13.22
C ARG C 21 -9.41 3.27 -11.97
N SER C 22 -10.72 3.49 -12.03
CA SER C 22 -11.58 3.45 -10.83
C SER C 22 -12.43 2.17 -10.77
N TRP C 23 -13.02 1.77 -11.90
CA TRP C 23 -14.05 0.71 -11.96
C TRP C 23 -13.40 -0.67 -12.15
N SER C 24 -13.76 -1.61 -11.28
CA SER C 24 -13.38 -3.01 -11.48
C SER C 24 -14.38 -3.94 -10.77
N ARG C 25 -14.39 -5.20 -11.20
CA ARG C 25 -15.13 -6.26 -10.52
C ARG C 25 -14.37 -7.58 -10.70
N THR C 26 -14.44 -8.42 -9.65
CA THR C 26 -13.86 -9.75 -9.62
C THR C 26 -14.97 -10.73 -9.23
N ASP C 27 -15.15 -11.78 -10.04
CA ASP C 27 -16.12 -12.83 -9.82
C ASP C 27 -15.41 -14.19 -9.97
N SER C 28 -15.72 -15.13 -9.08
CA SER C 28 -15.09 -16.45 -9.08
C SER C 28 -16.14 -17.56 -9.03
N VAL C 29 -15.82 -18.69 -9.66
CA VAL C 29 -16.58 -19.93 -9.57
C VAL C 29 -15.60 -21.07 -9.31
N VAL C 30 -16.07 -22.12 -8.63
CA VAL C 30 -15.23 -23.25 -8.27
C VAL C 30 -15.92 -24.54 -8.74
N TRP C 31 -15.14 -25.41 -9.39
CA TRP C 31 -15.59 -26.67 -9.98
C TRP C 31 -14.79 -27.83 -9.40
N LEU C 32 -15.50 -28.91 -9.07
CA LEU C 32 -14.90 -30.20 -8.81
C LEU C 32 -15.38 -31.14 -9.92
N GLY C 33 -14.48 -31.49 -10.83
CA GLY C 33 -14.85 -32.06 -12.12
C GLY C 33 -15.78 -31.10 -12.85
N ASP C 34 -17.02 -31.53 -13.15
CA ASP C 34 -17.99 -30.70 -13.85
C ASP C 34 -19.13 -30.24 -12.92
N LEU C 35 -18.96 -30.37 -11.59
CA LEU C 35 -19.96 -29.89 -10.62
C LEU C 35 -19.45 -28.62 -9.92
N GLN C 36 -20.30 -27.59 -9.88
CA GLN C 36 -19.97 -26.32 -9.24
C GLN C 36 -20.11 -26.48 -7.72
N THR C 37 -19.07 -26.07 -6.98
CA THR C 37 -19.03 -26.22 -5.53
C THR C 37 -19.09 -24.86 -4.83
N HIS C 38 -18.59 -23.79 -5.48
CA HIS C 38 -18.64 -22.46 -4.89
C HIS C 38 -18.90 -21.39 -5.96
N ARG C 39 -19.39 -20.25 -5.48
CA ARG C 39 -19.51 -19.03 -6.24
C ARG C 39 -19.07 -17.88 -5.31
N TRP C 40 -18.39 -16.90 -5.88
CA TRP C 40 -18.05 -15.69 -5.15
C TRP C 40 -18.25 -14.47 -6.06
N SER C 41 -19.44 -13.87 -5.94
N SER C 41 -19.44 -13.87 -5.93
CA SER C 41 -19.80 -12.67 -6.68
CA SER C 41 -19.81 -12.67 -6.68
C SER C 41 -19.04 -11.48 -6.11
C SER C 41 -19.06 -11.47 -6.11
N ASN C 42 -18.73 -10.52 -6.99
CA ASN C 42 -18.10 -9.27 -6.60
C ASN C 42 -18.89 -8.56 -5.48
N ASP C 43 -20.22 -8.63 -5.54
CA ASP C 43 -21.07 -7.87 -4.60
C ASP C 43 -21.25 -8.62 -3.26
N SER C 44 -20.67 -9.82 -3.13
CA SER C 44 -20.75 -10.60 -1.88
C SER C 44 -19.44 -10.49 -1.09
N ALA C 45 -19.54 -10.26 0.22
CA ALA C 45 -18.39 -10.21 1.13
C ALA C 45 -17.82 -11.62 1.34
N THR C 46 -18.67 -12.63 1.21
CA THR C 46 -18.34 -14.00 1.58
C THR C 46 -18.48 -14.92 0.36
N ILE C 47 -17.73 -16.03 0.39
CA ILE C 47 -17.80 -17.09 -0.62
C ILE C 47 -19.09 -17.90 -0.36
N SER C 48 -19.83 -18.20 -1.44
CA SER C 48 -21.08 -18.95 -1.33
C SER C 48 -20.85 -20.42 -1.66
N PHE C 49 -21.40 -21.30 -0.81
CA PHE C 49 -21.49 -22.72 -1.08
C PHE C 49 -22.61 -22.96 -2.09
N THR C 50 -22.36 -23.82 -3.08
CA THR C 50 -23.39 -24.19 -4.06
C THR C 50 -23.74 -25.68 -3.94
N LYS C 51 -23.18 -26.35 -2.92
CA LYS C 51 -23.54 -27.72 -2.54
C LYS C 51 -23.63 -27.78 -1.02
N PRO C 52 -24.40 -28.74 -0.45
CA PRO C 52 -24.39 -28.95 1.00
C PRO C 52 -22.99 -29.29 1.54
N TRP C 53 -22.15 -29.89 0.70
CA TRP C 53 -20.86 -30.47 1.09
C TRP C 53 -19.67 -29.57 0.70
N SER C 54 -19.93 -28.31 0.31
CA SER C 54 -18.91 -27.39 -0.22
C SER C 54 -17.84 -27.01 0.81
N GLN C 55 -18.12 -27.18 2.11
CA GLN C 55 -17.12 -26.91 3.15
C GLN C 55 -16.12 -28.08 3.27
N GLY C 56 -16.41 -29.20 2.59
CA GLY C 56 -15.58 -30.39 2.70
C GLY C 56 -15.54 -30.91 4.13
N LYS C 57 -14.33 -31.23 4.60
CA LYS C 57 -14.11 -31.72 5.96
C LYS C 57 -13.44 -30.65 6.83
N LEU C 58 -13.43 -29.39 6.36
CA LEU C 58 -12.88 -28.28 7.15
C LEU C 58 -13.85 -27.94 8.29
N SER C 59 -13.30 -27.76 9.49
CA SER C 59 -14.01 -27.18 10.61
C SER C 59 -14.40 -25.75 10.24
N ASN C 60 -15.36 -25.20 11.01
CA ASN C 60 -15.83 -23.84 10.82
C ASN C 60 -14.68 -22.85 11.00
N GLN C 61 -13.82 -23.09 11.99
CA GLN C 61 -12.68 -22.20 12.25
C GLN C 61 -11.71 -22.23 11.05
N GLN C 62 -11.47 -23.42 10.50
CA GLN C 62 -10.54 -23.61 9.38
C GLN C 62 -11.09 -22.90 8.14
N TRP C 63 -12.40 -23.04 7.90
CA TRP C 63 -13.05 -22.40 6.74
C TRP C 63 -13.05 -20.88 6.89
N GLU C 64 -13.37 -20.37 8.10
CA GLU C 64 -13.43 -18.93 8.34
C GLU C 64 -12.04 -18.31 8.10
N LYS C 65 -10.99 -19.01 8.55
CA LYS C 65 -9.59 -18.58 8.36
C LYS C 65 -9.24 -18.53 6.87
N LEU C 66 -9.65 -19.57 6.14
CA LEU C 66 -9.36 -19.70 4.71
C LEU C 66 -10.11 -18.60 3.94
N GLN C 67 -11.39 -18.41 4.27
CA GLN C 67 -12.20 -17.37 3.66
C GLN C 67 -11.57 -15.99 3.91
N HIS C 68 -11.11 -15.74 5.14
CA HIS C 68 -10.51 -14.46 5.51
C HIS C 68 -9.31 -14.14 4.59
N MET C 69 -8.45 -15.15 4.39
CA MET C 69 -7.29 -15.05 3.52
C MET C 69 -7.74 -14.63 2.11
N PHE C 70 -8.82 -15.23 1.61
CA PHE C 70 -9.34 -14.92 0.28
C PHE C 70 -9.93 -13.50 0.23
N GLN C 71 -10.62 -13.09 1.31
CA GLN C 71 -11.20 -11.74 1.40
C GLN C 71 -10.11 -10.67 1.31
N VAL C 72 -8.99 -10.89 2.02
CA VAL C 72 -7.84 -9.99 1.97
C VAL C 72 -7.23 -10.02 0.56
N TYR C 73 -7.16 -11.22 -0.02
CA TYR C 73 -6.60 -11.41 -1.34
C TYR C 73 -7.37 -10.58 -2.38
N ARG C 74 -8.71 -10.65 -2.36
CA ARG C 74 -9.51 -10.04 -3.41
C ARG C 74 -9.26 -8.52 -3.45
N VAL C 75 -9.27 -7.87 -2.28
CA VAL C 75 -9.04 -6.43 -2.15
C VAL C 75 -7.61 -6.10 -2.59
N SER C 76 -6.65 -6.89 -2.11
CA SER C 76 -5.23 -6.64 -2.36
C SER C 76 -4.92 -6.82 -3.85
N PHE C 77 -5.48 -7.87 -4.46
CA PHE C 77 -5.34 -8.16 -5.88
C PHE C 77 -5.78 -6.96 -6.72
N THR C 78 -6.94 -6.39 -6.38
CA THR C 78 -7.55 -5.30 -7.12
C THR C 78 -6.60 -4.10 -7.14
N ARG C 79 -6.07 -3.72 -5.96
CA ARG C 79 -5.18 -2.58 -5.86
C ARG C 79 -3.86 -2.86 -6.58
N ASP C 80 -3.33 -4.08 -6.45
CA ASP C 80 -2.05 -4.46 -7.05
C ASP C 80 -2.12 -4.34 -8.58
N ILE C 81 -3.22 -4.80 -9.19
CA ILE C 81 -3.37 -4.67 -10.65
C ILE C 81 -3.36 -3.18 -11.02
N GLN C 82 -4.11 -2.37 -10.28
CA GLN C 82 -4.23 -0.94 -10.56
C GLN C 82 -2.85 -0.28 -10.46
N GLU C 83 -2.05 -0.70 -9.48
CA GLU C 83 -0.71 -0.14 -9.30
C GLU C 83 0.23 -0.64 -10.42
N LEU C 84 0.11 -1.91 -10.80
CA LEU C 84 0.95 -2.46 -11.86
C LEU C 84 0.69 -1.75 -13.19
N VAL C 85 -0.57 -1.36 -13.43
CA VAL C 85 -0.94 -0.62 -14.64
C VAL C 85 -0.24 0.74 -14.63
N LYS C 86 -0.27 1.42 -13.48
CA LYS C 86 0.44 2.70 -13.30
C LYS C 86 1.94 2.51 -13.56
N MET C 87 2.48 1.39 -13.07
CA MET C 87 3.91 1.12 -13.14
C MET C 87 4.36 0.91 -14.59
N MET C 88 3.52 0.28 -15.41
CA MET C 88 3.89 -0.07 -16.79
C MET C 88 3.39 1.00 -17.77
N SER C 89 2.76 2.05 -17.25
CA SER C 89 2.16 3.13 -18.06
C SER C 89 3.26 3.83 -18.86
N PRO C 90 2.98 4.16 -20.14
CA PRO C 90 1.71 3.94 -20.82
C PRO C 90 1.67 2.70 -21.73
N LYS C 91 2.52 1.71 -21.45
CA LYS C 91 2.64 0.46 -22.22
C LYS C 91 1.27 -0.22 -22.32
N GLU C 92 0.61 -0.39 -21.17
CA GLU C 92 -0.66 -1.10 -21.08
C GLU C 92 -1.72 -0.15 -20.53
N ASP C 93 -2.90 -0.16 -21.15
CA ASP C 93 -3.99 0.68 -20.72
C ASP C 93 -5.26 -0.16 -20.58
N TYR C 94 -6.23 0.41 -19.84
CA TYR C 94 -7.56 -0.13 -19.68
C TYR C 94 -8.28 -0.05 -21.01
N PRO C 95 -9.27 -0.94 -21.26
CA PRO C 95 -9.74 -1.95 -20.32
C PRO C 95 -8.84 -3.19 -20.28
N ILE C 96 -8.86 -3.89 -19.13
CA ILE C 96 -8.01 -5.06 -18.90
C ILE C 96 -8.87 -6.17 -18.29
N GLU C 97 -8.71 -7.38 -18.84
CA GLU C 97 -9.25 -8.61 -18.27
C GLU C 97 -8.10 -9.46 -17.75
N ILE C 98 -8.22 -9.91 -16.49
CA ILE C 98 -7.31 -10.88 -15.93
C ILE C 98 -8.12 -12.10 -15.48
N GLN C 99 -7.65 -13.29 -15.86
CA GLN C 99 -8.25 -14.54 -15.43
C GLN C 99 -7.21 -15.37 -14.69
N LEU C 100 -7.64 -16.04 -13.61
CA LEU C 100 -6.83 -17.00 -12.91
C LEU C 100 -7.54 -18.35 -12.92
N SER C 101 -6.76 -19.41 -13.13
CA SER C 101 -7.19 -20.77 -12.98
C SER C 101 -6.23 -21.46 -12.02
N ALA C 102 -6.74 -21.82 -10.85
CA ALA C 102 -5.93 -22.39 -9.79
C ALA C 102 -6.62 -23.60 -9.19
N GLY C 103 -5.82 -24.57 -8.76
CA GLY C 103 -6.36 -25.75 -8.12
C GLY C 103 -5.38 -26.90 -8.16
N CYS C 104 -5.93 -28.12 -8.15
CA CYS C 104 -5.12 -29.32 -8.10
C CYS C 104 -5.86 -30.47 -8.81
N GLU C 105 -5.08 -31.35 -9.43
CA GLU C 105 -5.59 -32.59 -9.99
C GLU C 105 -5.24 -33.72 -9.02
N MET C 106 -6.26 -34.52 -8.66
CA MET C 106 -6.15 -35.56 -7.66
C MET C 106 -6.02 -36.93 -8.35
N TYR C 107 -5.00 -37.69 -7.93
CA TYR C 107 -4.65 -39.00 -8.48
C TYR C 107 -4.79 -40.04 -7.37
N PRO C 108 -4.86 -41.35 -7.70
CA PRO C 108 -4.89 -42.40 -6.68
C PRO C 108 -3.58 -42.45 -5.87
N GLY C 109 -3.67 -42.98 -4.65
CA GLY C 109 -2.52 -43.13 -3.74
C GLY C 109 -2.11 -41.79 -3.13
N ASN C 110 -3.12 -40.97 -2.81
CA ASN C 110 -3.00 -39.58 -2.33
C ASN C 110 -1.81 -38.87 -3.00
N ALA C 111 -1.73 -38.96 -4.33
CA ALA C 111 -0.84 -38.13 -5.15
C ALA C 111 -1.66 -37.00 -5.77
N SER C 112 -1.02 -35.86 -6.04
CA SER C 112 -1.69 -34.71 -6.66
C SER C 112 -0.67 -33.78 -7.31
N GLU C 113 -1.18 -32.94 -8.23
CA GLU C 113 -0.44 -31.86 -8.89
C GLU C 113 -1.26 -30.58 -8.80
N SER C 114 -0.65 -29.49 -8.34
CA SER C 114 -1.31 -28.19 -8.20
C SER C 114 -0.87 -27.24 -9.31
N PHE C 115 -1.69 -26.24 -9.59
CA PHE C 115 -1.41 -25.27 -10.65
C PHE C 115 -2.04 -23.92 -10.29
N LEU C 116 -1.43 -22.87 -10.81
CA LEU C 116 -1.95 -21.51 -10.72
C LEU C 116 -1.53 -20.78 -11.99
N HIS C 117 -2.46 -20.65 -12.93
CA HIS C 117 -2.23 -20.07 -14.23
C HIS C 117 -2.98 -18.73 -14.34
N VAL C 118 -2.31 -17.74 -14.95
CA VAL C 118 -2.86 -16.39 -15.08
C VAL C 118 -2.87 -16.01 -16.57
N ALA C 119 -4.02 -15.49 -17.01
CA ALA C 119 -4.19 -14.97 -18.36
C ALA C 119 -4.42 -13.46 -18.30
N PHE C 120 -3.77 -12.75 -19.24
CA PHE C 120 -3.89 -11.32 -19.41
C PHE C 120 -4.49 -11.05 -20.79
N GLN C 121 -5.64 -10.36 -20.82
CA GLN C 121 -6.43 -10.10 -22.03
C GLN C 121 -6.66 -11.40 -22.80
N GLY C 122 -6.87 -12.50 -22.07
CA GLY C 122 -7.29 -13.77 -22.64
C GLY C 122 -6.15 -14.67 -23.09
N LYS C 123 -4.90 -14.30 -22.78
CA LYS C 123 -3.74 -15.09 -23.15
C LYS C 123 -3.00 -15.54 -21.88
N TYR C 124 -2.71 -16.84 -21.80
CA TYR C 124 -1.95 -17.43 -20.69
C TYR C 124 -0.52 -16.88 -20.72
N VAL C 125 -0.13 -16.12 -19.69
CA VAL C 125 1.18 -15.41 -19.67
C VAL C 125 2.02 -15.76 -18.45
N VAL C 126 1.38 -16.10 -17.32
CA VAL C 126 2.08 -16.21 -16.03
C VAL C 126 1.59 -17.45 -15.29
N ARG C 127 2.51 -18.13 -14.58
CA ARG C 127 2.12 -19.16 -13.60
C ARG C 127 2.93 -18.97 -12.32
N PHE C 128 2.42 -19.57 -11.25
CA PHE C 128 3.22 -19.82 -10.06
C PHE C 128 3.80 -21.22 -10.20
N TRP C 129 5.12 -21.33 -10.02
CA TRP C 129 5.84 -22.58 -10.19
C TRP C 129 6.94 -22.67 -9.14
N GLY C 130 6.89 -23.71 -8.30
CA GLY C 130 7.89 -23.93 -7.28
C GLY C 130 7.73 -22.97 -6.13
N THR C 131 8.53 -21.89 -6.16
CA THR C 131 8.54 -20.89 -5.09
C THR C 131 8.33 -19.48 -5.65
N SER C 132 8.02 -19.33 -6.95
CA SER C 132 7.98 -18.00 -7.53
C SER C 132 7.02 -17.92 -8.73
N TRP C 133 6.68 -16.68 -9.08
CA TRP C 133 5.98 -16.34 -10.30
C TRP C 133 6.96 -16.39 -11.47
N GLN C 134 6.48 -16.87 -12.63
CA GLN C 134 7.29 -16.87 -13.84
C GLN C 134 6.38 -16.63 -15.05
N THR C 135 6.94 -16.01 -16.09
CA THR C 135 6.27 -15.94 -17.37
C THR C 135 6.45 -17.29 -18.09
N VAL C 136 5.51 -17.58 -19.00
CA VAL C 136 5.53 -18.81 -19.78
C VAL C 136 5.94 -18.47 -21.21
N PRO C 137 6.34 -19.45 -22.05
CA PRO C 137 6.74 -19.18 -23.42
C PRO C 137 5.68 -18.38 -24.19
N GLY C 138 6.13 -17.36 -24.92
CA GLY C 138 5.25 -16.54 -25.73
C GLY C 138 4.82 -15.26 -25.01
N ALA C 139 5.14 -15.13 -23.73
CA ALA C 139 4.70 -13.97 -22.96
C ALA C 139 5.51 -12.74 -23.37
N PRO C 140 4.91 -11.54 -23.41
CA PRO C 140 5.65 -10.32 -23.74
C PRO C 140 6.65 -9.95 -22.63
N SER C 141 7.76 -9.33 -23.03
CA SER C 141 8.89 -9.04 -22.16
C SER C 141 8.54 -8.03 -21.06
N TRP C 142 7.58 -7.13 -21.30
CA TRP C 142 7.24 -6.08 -20.32
C TRP C 142 6.77 -6.69 -18.99
N LEU C 143 6.24 -7.92 -19.04
CA LEU C 143 5.79 -8.63 -17.83
C LEU C 143 6.94 -8.92 -16.86
N ASP C 144 8.20 -8.84 -17.32
CA ASP C 144 9.36 -9.08 -16.48
C ASP C 144 9.38 -8.14 -15.26
N LEU C 145 8.89 -6.90 -15.39
CA LEU C 145 8.90 -5.96 -14.26
C LEU C 145 7.82 -6.34 -13.23
N PRO C 146 6.53 -6.51 -13.61
CA PRO C 146 5.54 -7.10 -12.71
C PRO C 146 6.01 -8.37 -11.99
N ILE C 147 6.66 -9.28 -12.72
CA ILE C 147 7.17 -10.53 -12.13
C ILE C 147 8.21 -10.22 -11.06
N LYS C 148 9.11 -9.28 -11.34
CA LYS C 148 10.15 -8.87 -10.40
C LYS C 148 9.50 -8.32 -9.12
N VAL C 149 8.46 -7.50 -9.30
CA VAL C 149 7.76 -6.85 -8.19
C VAL C 149 6.98 -7.90 -7.36
N LEU C 150 6.24 -8.78 -8.06
CA LEU C 150 5.49 -9.84 -7.40
C LEU C 150 6.44 -10.76 -6.63
N ASN C 151 7.61 -11.08 -7.21
CA ASN C 151 8.55 -12.02 -6.60
C ASN C 151 9.29 -11.38 -5.41
N ALA C 152 9.23 -10.04 -5.28
CA ALA C 152 9.83 -9.37 -4.11
C ALA C 152 9.01 -9.65 -2.84
N ASP C 153 7.74 -10.05 -3.01
CA ASP C 153 6.79 -10.28 -1.90
C ASP C 153 6.93 -11.72 -1.38
N GLN C 154 7.83 -11.91 -0.41
CA GLN C 154 8.14 -13.21 0.17
C GLN C 154 6.90 -13.79 0.87
N GLY C 155 6.08 -12.92 1.47
CA GLY C 155 4.91 -13.32 2.23
C GLY C 155 3.85 -13.96 1.35
N THR C 156 3.61 -13.35 0.18
CA THR C 156 2.68 -13.92 -0.81
C THR C 156 3.23 -15.27 -1.31
N SER C 157 4.53 -15.32 -1.63
CA SER C 157 5.16 -16.55 -2.11
C SER C 157 4.93 -17.69 -1.11
N ALA C 158 5.21 -17.44 0.18
CA ALA C 158 5.07 -18.45 1.23
C ALA C 158 3.61 -18.90 1.36
N THR C 159 2.67 -17.94 1.27
CA THR C 159 1.24 -18.23 1.40
C THR C 159 0.77 -19.07 0.21
N VAL C 160 1.20 -18.72 -1.00
CA VAL C 160 0.77 -19.42 -2.21
C VAL C 160 1.33 -20.85 -2.19
N GLN C 161 2.60 -21.00 -1.78
CA GLN C 161 3.23 -22.31 -1.69
C GLN C 161 2.40 -23.23 -0.80
N MET C 162 1.96 -22.71 0.35
CA MET C 162 1.18 -23.48 1.31
C MET C 162 -0.20 -23.83 0.73
N LEU C 163 -0.82 -22.85 0.07
CA LEU C 163 -2.14 -23.02 -0.53
CA LEU C 163 -2.14 -23.01 -0.53
C LEU C 163 -2.10 -24.11 -1.60
N LEU C 164 -1.10 -24.08 -2.47
CA LEU C 164 -1.02 -25.02 -3.59
C LEU C 164 -0.56 -26.40 -3.11
N ASN C 165 0.49 -26.44 -2.28
CA ASN C 165 1.16 -27.69 -1.92
C ASN C 165 0.34 -28.49 -0.90
N ASP C 166 -0.29 -27.78 0.05
CA ASP C 166 -0.87 -28.40 1.25
C ASP C 166 -2.40 -28.23 1.26
N THR C 167 -2.87 -26.99 1.28
CA THR C 167 -4.28 -26.68 1.51
C THR C 167 -5.14 -27.30 0.40
N CYS C 168 -4.77 -27.08 -0.86
CA CYS C 168 -5.59 -27.54 -2.01
C CYS C 168 -5.84 -29.04 -1.90
N PRO C 169 -4.79 -29.90 -1.96
CA PRO C 169 -5.02 -31.35 -1.94
C PRO C 169 -5.79 -31.81 -0.69
N LEU C 170 -5.46 -31.27 0.48
CA LEU C 170 -6.12 -31.61 1.74
CA LEU C 170 -6.13 -31.65 1.72
C LEU C 170 -7.62 -31.27 1.63
N PHE C 171 -7.92 -30.05 1.16
CA PHE C 171 -9.30 -29.59 1.04
C PHE C 171 -10.07 -30.50 0.07
N VAL C 172 -9.46 -30.80 -1.08
CA VAL C 172 -10.15 -31.53 -2.14
C VAL C 172 -10.37 -32.99 -1.72
N ARG C 173 -9.42 -33.58 -0.99
CA ARG C 173 -9.59 -34.96 -0.47
C ARG C 173 -10.89 -35.02 0.35
N GLY C 174 -11.11 -34.01 1.20
CA GLY C 174 -12.31 -33.88 2.02
C GLY C 174 -13.57 -33.64 1.21
N LEU C 175 -13.47 -32.84 0.14
CA LEU C 175 -14.59 -32.58 -0.77
C LEU C 175 -15.04 -33.91 -1.42
N LEU C 176 -14.07 -34.71 -1.88
CA LEU C 176 -14.36 -35.97 -2.56
C LEU C 176 -15.11 -36.91 -1.61
N GLU C 177 -14.74 -36.90 -0.32
CA GLU C 177 -15.40 -37.69 0.71
C GLU C 177 -16.82 -37.17 0.96
N ALA C 178 -16.94 -35.87 1.23
CA ALA C 178 -18.22 -35.25 1.59
C ALA C 178 -19.20 -35.29 0.41
N GLY C 179 -18.69 -35.18 -0.82
CA GLY C 179 -19.53 -35.01 -2.00
C GLY C 179 -19.75 -36.30 -2.78
N LYS C 180 -19.33 -37.44 -2.20
CA LYS C 180 -19.26 -38.74 -2.88
C LYS C 180 -20.58 -39.05 -3.62
N SER C 181 -21.70 -38.94 -2.90
CA SER C 181 -23.00 -39.38 -3.41
C SER C 181 -23.44 -38.53 -4.62
N ASP C 182 -23.09 -37.24 -4.62
CA ASP C 182 -23.36 -36.35 -5.76
C ASP C 182 -22.40 -36.65 -6.91
N LEU C 183 -21.11 -36.82 -6.59
CA LEU C 183 -20.08 -37.02 -7.61
C LEU C 183 -20.33 -38.33 -8.37
N GLU C 184 -20.90 -39.33 -7.68
CA GLU C 184 -21.11 -40.67 -8.23
C GLU C 184 -22.57 -40.87 -8.69
N LYS C 185 -23.35 -39.79 -8.77
CA LYS C 185 -24.76 -39.89 -9.18
C LYS C 185 -24.83 -40.41 -10.61
N GLN C 186 -25.90 -41.15 -10.90
CA GLN C 186 -26.24 -41.63 -12.22
C GLN C 186 -27.63 -41.08 -12.58
N GLU C 187 -27.70 -40.35 -13.71
CA GLU C 187 -28.95 -39.82 -14.25
C GLU C 187 -29.14 -40.36 -15.66
N LYS C 188 -30.36 -40.83 -15.96
CA LYS C 188 -30.63 -41.54 -17.20
C LYS C 188 -30.87 -40.56 -18.36
N PRO C 189 -30.31 -40.84 -19.55
CA PRO C 189 -30.65 -40.07 -20.75
C PRO C 189 -32.08 -40.40 -21.22
N VAL C 190 -32.76 -39.39 -21.78
CA VAL C 190 -33.96 -39.58 -22.58
C VAL C 190 -33.63 -39.08 -23.99
N ALA C 191 -34.07 -39.84 -25.00
CA ALA C 191 -33.78 -39.50 -26.38
C ALA C 191 -35.08 -39.24 -27.15
N TRP C 192 -34.97 -38.47 -28.23
CA TRP C 192 -36.05 -38.25 -29.17
C TRP C 192 -35.46 -37.88 -30.53
N LEU C 193 -36.22 -38.15 -31.60
CA LEU C 193 -35.75 -38.01 -32.97
C LEU C 193 -36.46 -36.82 -33.64
N SER C 194 -35.80 -36.28 -34.67
CA SER C 194 -36.31 -35.21 -35.51
C SER C 194 -35.49 -35.13 -36.80
N SER C 195 -35.90 -34.26 -37.73
CA SER C 195 -35.30 -34.15 -39.05
C SER C 195 -35.47 -32.74 -39.63
N VAL C 196 -34.51 -32.32 -40.44
CA VAL C 196 -34.51 -31.00 -41.10
C VAL C 196 -33.86 -31.15 -42.48
N PRO C 197 -34.06 -30.16 -43.40
CA PRO C 197 -33.32 -30.12 -44.67
C PRO C 197 -31.88 -29.66 -44.46
N SER C 198 -30.93 -30.33 -45.11
CA SER C 198 -29.51 -30.00 -45.06
C SER C 198 -29.16 -29.01 -46.17
N SER C 199 -27.87 -28.69 -46.30
CA SER C 199 -27.35 -27.80 -47.34
C SER C 199 -27.63 -28.38 -48.73
N ALA C 200 -27.40 -29.69 -48.88
CA ALA C 200 -27.59 -30.40 -50.15
C ALA C 200 -29.07 -30.35 -50.57
N HIS C 201 -29.32 -30.53 -51.88
CA HIS C 201 -30.61 -30.28 -52.50
C HIS C 201 -31.69 -31.21 -51.92
N GLY C 202 -31.58 -32.52 -52.23
CA GLY C 202 -32.59 -33.52 -51.86
C GLY C 202 -32.16 -34.38 -50.69
N HIS C 203 -31.43 -33.78 -49.74
CA HIS C 203 -30.90 -34.48 -48.56
C HIS C 203 -31.69 -34.08 -47.30
N ARG C 204 -31.81 -35.03 -46.37
CA ARG C 204 -32.36 -34.82 -45.05
C ARG C 204 -31.22 -34.91 -44.02
N GLN C 205 -31.43 -34.29 -42.86
CA GLN C 205 -30.52 -34.39 -41.73
C GLN C 205 -31.29 -34.86 -40.49
N LEU C 206 -31.16 -36.15 -40.16
CA LEU C 206 -31.79 -36.73 -38.98
C LEU C 206 -31.00 -36.31 -37.74
N VAL C 207 -31.72 -36.10 -36.64
CA VAL C 207 -31.13 -35.65 -35.38
C VAL C 207 -31.63 -36.56 -34.25
N CYS C 208 -30.68 -37.15 -33.52
CA CYS C 208 -30.97 -37.90 -32.31
C CYS C 208 -30.60 -37.03 -31.09
N HIS C 209 -31.62 -36.56 -30.37
CA HIS C 209 -31.48 -35.74 -29.17
C HIS C 209 -31.36 -36.66 -27.95
N VAL C 210 -30.39 -36.38 -27.07
CA VAL C 210 -30.16 -37.14 -25.85
C VAL C 210 -29.92 -36.16 -24.71
N SER C 211 -30.78 -36.22 -23.68
CA SER C 211 -30.79 -35.18 -22.65
C SER C 211 -31.06 -35.79 -21.27
N GLY C 212 -30.37 -35.24 -20.26
CA GLY C 212 -30.62 -35.53 -18.86
C GLY C 212 -29.67 -36.57 -18.28
N PHE C 213 -28.57 -36.87 -18.99
CA PHE C 213 -27.65 -37.92 -18.55
C PHE C 213 -26.53 -37.33 -17.68
N TYR C 214 -26.10 -38.13 -16.70
CA TYR C 214 -24.93 -37.88 -15.90
C TYR C 214 -24.39 -39.22 -15.39
N PRO C 215 -23.07 -39.45 -15.43
CA PRO C 215 -22.04 -38.50 -15.84
C PRO C 215 -21.89 -38.41 -17.36
N LYS C 216 -20.87 -37.64 -17.80
CA LYS C 216 -20.72 -37.17 -19.17
C LYS C 216 -20.55 -38.33 -20.16
N PRO C 217 -19.70 -39.35 -19.88
CA PRO C 217 -19.41 -40.39 -20.87
C PRO C 217 -20.70 -41.05 -21.41
N VAL C 218 -20.84 -41.07 -22.73
CA VAL C 218 -22.04 -41.57 -23.41
C VAL C 218 -21.63 -42.05 -24.81
N TRP C 219 -22.43 -42.98 -25.35
CA TRP C 219 -22.28 -43.51 -26.70
C TRP C 219 -23.62 -43.35 -27.44
N VAL C 220 -23.57 -42.72 -28.61
CA VAL C 220 -24.75 -42.46 -29.44
C VAL C 220 -24.38 -42.70 -30.90
N MET C 221 -25.11 -43.63 -31.55
CA MET C 221 -24.86 -44.01 -32.93
C MET C 221 -26.19 -44.21 -33.67
N TRP C 222 -26.26 -43.67 -34.90
CA TRP C 222 -27.28 -44.05 -35.86
C TRP C 222 -26.94 -45.44 -36.41
N MET C 223 -27.97 -46.26 -36.62
CA MET C 223 -27.81 -47.65 -37.01
C MET C 223 -28.92 -48.07 -37.97
N ARG C 224 -28.54 -48.87 -38.97
CA ARG C 224 -29.47 -49.66 -39.78
C ARG C 224 -29.24 -51.14 -39.44
N GLY C 225 -30.03 -51.66 -38.49
CA GLY C 225 -29.85 -53.00 -37.95
C GLY C 225 -28.67 -53.07 -36.98
N ASP C 226 -27.63 -53.80 -37.40
CA ASP C 226 -26.39 -53.95 -36.63
C ASP C 226 -25.27 -53.11 -37.25
N GLN C 227 -25.57 -52.45 -38.38
CA GLN C 227 -24.60 -51.62 -39.09
C GLN C 227 -24.60 -50.21 -38.48
N GLU C 228 -23.48 -49.84 -37.86
CA GLU C 228 -23.25 -48.49 -37.34
C GLU C 228 -23.01 -47.56 -38.54
N GLN C 229 -23.84 -46.52 -38.67
CA GLN C 229 -23.72 -45.56 -39.76
C GLN C 229 -22.55 -44.63 -39.46
N GLN C 230 -21.52 -44.67 -40.32
CA GLN C 230 -20.25 -43.99 -40.12
C GLN C 230 -20.40 -42.48 -40.30
N GLY C 231 -21.50 -42.05 -40.94
CA GLY C 231 -21.82 -40.64 -41.15
C GLY C 231 -22.30 -39.93 -39.89
N THR C 232 -22.62 -40.70 -38.84
CA THR C 232 -23.00 -40.15 -37.53
C THR C 232 -22.01 -39.06 -37.10
N HIS C 233 -22.54 -37.89 -36.74
CA HIS C 233 -21.74 -36.77 -36.25
C HIS C 233 -22.28 -36.30 -34.90
N ARG C 234 -21.49 -36.52 -33.84
CA ARG C 234 -21.80 -36.06 -32.49
C ARG C 234 -21.58 -34.54 -32.41
N GLY C 235 -22.56 -33.83 -31.85
CA GLY C 235 -22.38 -32.44 -31.47
C GLY C 235 -21.54 -32.34 -30.21
N ASP C 236 -21.41 -31.10 -29.69
CA ASP C 236 -20.72 -30.84 -28.45
C ASP C 236 -21.63 -31.26 -27.28
N PHE C 237 -21.03 -31.51 -26.12
CA PHE C 237 -21.76 -31.68 -24.88
C PHE C 237 -22.25 -30.32 -24.40
N LEU C 238 -23.58 -30.18 -24.23
CA LEU C 238 -24.20 -28.94 -23.79
C LEU C 238 -24.80 -29.16 -22.41
N PRO C 239 -24.64 -28.22 -21.46
CA PRO C 239 -25.20 -28.38 -20.12
C PRO C 239 -26.71 -28.09 -20.06
N ASN C 240 -27.41 -28.87 -19.24
CA ASN C 240 -28.72 -28.53 -18.73
C ASN C 240 -28.53 -27.77 -17.42
N ALA C 241 -29.58 -27.07 -16.98
CA ALA C 241 -29.52 -26.22 -15.79
C ALA C 241 -29.48 -27.06 -14.50
N ASP C 242 -29.80 -28.36 -14.60
CA ASP C 242 -29.94 -29.25 -13.43
C ASP C 242 -28.72 -30.18 -13.32
N GLU C 243 -27.55 -29.74 -13.80
CA GLU C 243 -26.28 -30.46 -13.71
C GLU C 243 -26.43 -31.88 -14.30
N THR C 244 -27.10 -31.92 -15.46
CA THR C 244 -27.07 -33.07 -16.38
C THR C 244 -26.62 -32.54 -17.73
N TRP C 245 -26.46 -33.45 -18.71
CA TRP C 245 -25.87 -33.14 -19.98
C TRP C 245 -26.87 -33.38 -21.12
N TYR C 246 -26.61 -32.67 -22.22
CA TYR C 246 -27.35 -32.77 -23.47
C TYR C 246 -26.36 -32.95 -24.61
N LEU C 247 -26.72 -33.82 -25.56
CA LEU C 247 -25.90 -34.12 -26.74
C LEU C 247 -26.84 -34.57 -27.87
N GLN C 248 -26.56 -34.12 -29.10
CA GLN C 248 -27.30 -34.61 -30.27
C GLN C 248 -26.32 -35.16 -31.30
N ALA C 249 -26.73 -36.27 -31.94
CA ALA C 249 -25.99 -36.92 -33.00
C ALA C 249 -26.81 -36.83 -34.29
N THR C 250 -26.20 -36.28 -35.34
CA THR C 250 -26.86 -36.04 -36.62
C THR C 250 -26.43 -37.09 -37.64
N LEU C 251 -27.26 -37.27 -38.69
CA LEU C 251 -26.93 -38.14 -39.82
C LEU C 251 -27.56 -37.55 -41.10
N ASP C 252 -26.70 -37.22 -42.07
CA ASP C 252 -27.12 -36.70 -43.36
C ASP C 252 -27.50 -37.89 -44.25
N VAL C 253 -28.79 -37.99 -44.62
CA VAL C 253 -29.32 -39.10 -45.38
C VAL C 253 -30.08 -38.57 -46.60
N GLU C 254 -30.47 -39.49 -47.49
CA GLU C 254 -31.29 -39.17 -48.65
C GLU C 254 -32.77 -39.33 -48.29
N ALA C 255 -33.59 -38.41 -48.79
CA ALA C 255 -35.03 -38.42 -48.58
C ALA C 255 -35.60 -39.74 -49.13
N GLY C 256 -36.26 -40.51 -48.25
CA GLY C 256 -36.80 -41.83 -48.57
C GLY C 256 -36.10 -42.95 -47.82
N GLU C 257 -34.83 -42.71 -47.43
CA GLU C 257 -33.98 -43.73 -46.79
C GLU C 257 -34.09 -43.66 -45.26
N GLU C 258 -34.96 -42.79 -44.74
CA GLU C 258 -35.12 -42.60 -43.29
C GLU C 258 -35.59 -43.91 -42.64
N ALA C 259 -36.59 -44.55 -43.26
CA ALA C 259 -37.15 -45.82 -42.76
C ALA C 259 -36.03 -46.85 -42.67
N GLY C 260 -35.99 -47.59 -41.55
CA GLY C 260 -34.95 -48.59 -41.26
C GLY C 260 -33.91 -48.09 -40.28
N LEU C 261 -33.65 -46.78 -40.26
CA LEU C 261 -32.65 -46.17 -39.38
C LEU C 261 -33.16 -46.13 -37.94
N ALA C 262 -32.22 -46.25 -36.99
CA ALA C 262 -32.52 -46.16 -35.57
C ALA C 262 -31.33 -45.50 -34.85
N CYS C 263 -31.63 -44.82 -33.73
CA CYS C 263 -30.63 -44.23 -32.87
C CYS C 263 -30.50 -45.08 -31.60
N ARG C 264 -29.28 -45.54 -31.32
CA ARG C 264 -28.96 -46.35 -30.16
C ARG C 264 -28.11 -45.53 -29.19
N VAL C 265 -28.46 -45.57 -27.89
CA VAL C 265 -27.77 -44.82 -26.86
C VAL C 265 -27.33 -45.79 -25.75
N LYS C 266 -26.03 -45.78 -25.46
CA LYS C 266 -25.45 -46.51 -24.35
C LYS C 266 -24.98 -45.52 -23.29
N HIS C 267 -25.38 -45.75 -22.03
CA HIS C 267 -24.97 -44.94 -20.90
C HIS C 267 -24.93 -45.80 -19.63
N SER C 268 -23.98 -45.49 -18.75
CA SER C 268 -23.72 -46.21 -17.50
C SER C 268 -24.98 -46.31 -16.63
N SER C 269 -25.88 -45.33 -16.75
CA SER C 269 -27.08 -45.25 -15.89
C SER C 269 -28.15 -46.28 -16.29
N LEU C 270 -28.07 -46.79 -17.52
CA LEU C 270 -29.13 -47.63 -18.11
C LEU C 270 -28.95 -49.11 -17.73
N GLY C 271 -27.76 -49.46 -17.23
CA GLY C 271 -27.47 -50.82 -16.76
C GLY C 271 -27.64 -51.85 -17.86
N GLY C 272 -27.06 -51.56 -19.03
CA GLY C 272 -27.02 -52.49 -20.16
C GLY C 272 -28.24 -52.39 -21.07
N GLN C 273 -29.33 -51.79 -20.57
CA GLN C 273 -30.59 -51.65 -21.32
C GLN C 273 -30.51 -50.40 -22.20
N ASP C 274 -29.84 -50.52 -23.36
CA ASP C 274 -29.65 -49.44 -24.31
C ASP C 274 -31.02 -48.87 -24.73
N ILE C 275 -31.03 -47.58 -25.07
CA ILE C 275 -32.17 -46.95 -25.71
C ILE C 275 -32.01 -47.15 -27.22
N ILE C 276 -33.08 -47.64 -27.86
CA ILE C 276 -33.15 -47.81 -29.31
C ILE C 276 -34.42 -47.12 -29.80
N LEU C 277 -34.25 -46.06 -30.59
CA LEU C 277 -35.37 -45.33 -31.20
C LEU C 277 -35.33 -45.53 -32.72
N TYR C 278 -36.40 -46.12 -33.24
CA TYR C 278 -36.59 -46.34 -34.68
C TYR C 278 -37.33 -45.14 -35.28
N TRP C 279 -36.80 -44.62 -36.39
CA TRP C 279 -37.45 -43.53 -37.11
C TRP C 279 -38.82 -43.98 -37.62
N LYS D 3 -13.42 -12.65 -29.95
CA LYS D 3 -14.13 -13.84 -30.49
C LYS D 3 -15.64 -13.61 -30.41
N THR D 4 -16.36 -14.10 -31.42
CA THR D 4 -17.78 -13.83 -31.65
C THR D 4 -18.63 -14.94 -31.03
N PRO D 5 -19.66 -14.61 -30.20
CA PRO D 5 -20.36 -15.62 -29.42
C PRO D 5 -21.16 -16.63 -30.26
N GLN D 6 -20.95 -17.92 -29.98
CA GLN D 6 -21.79 -19.00 -30.48
C GLN D 6 -23.00 -19.16 -29.54
N ILE D 7 -24.16 -19.46 -30.13
CA ILE D 7 -25.43 -19.53 -29.43
C ILE D 7 -26.11 -20.85 -29.81
N GLN D 8 -26.46 -21.66 -28.81
CA GLN D 8 -27.15 -22.94 -29.02
C GLN D 8 -28.42 -22.94 -28.17
N VAL D 9 -29.55 -23.26 -28.81
CA VAL D 9 -30.86 -23.26 -28.17
C VAL D 9 -31.45 -24.67 -28.27
N TYR D 10 -31.85 -25.22 -27.12
CA TYR D 10 -32.31 -26.61 -27.01
C TYR D 10 -33.21 -26.76 -25.78
N SER D 11 -34.15 -27.72 -25.85
CA SER D 11 -35.05 -28.01 -24.74
C SER D 11 -34.45 -29.08 -23.83
N ARG D 12 -34.80 -29.00 -22.54
CA ARG D 12 -34.38 -29.97 -21.52
C ARG D 12 -35.04 -31.34 -21.78
N HIS D 13 -36.34 -31.31 -22.11
CA HIS D 13 -37.17 -32.51 -22.28
C HIS D 13 -37.63 -32.62 -23.73
N PRO D 14 -38.08 -33.80 -24.19
CA PRO D 14 -38.67 -33.92 -25.52
C PRO D 14 -39.81 -32.90 -25.64
N PRO D 15 -39.83 -32.05 -26.69
CA PRO D 15 -40.88 -31.05 -26.84
C PRO D 15 -42.22 -31.68 -27.25
N GLU D 16 -43.28 -31.30 -26.55
CA GLU D 16 -44.65 -31.69 -26.87
C GLU D 16 -45.56 -30.48 -26.68
N ASN D 17 -46.28 -30.10 -27.74
CA ASN D 17 -47.15 -28.93 -27.74
C ASN D 17 -48.09 -28.98 -26.53
N GLY D 18 -48.12 -27.88 -25.76
CA GLY D 18 -49.02 -27.73 -24.63
C GLY D 18 -48.46 -28.28 -23.32
N LYS D 19 -47.28 -28.92 -23.37
CA LYS D 19 -46.66 -29.52 -22.17
C LYS D 19 -45.52 -28.62 -21.68
N PRO D 20 -45.55 -28.17 -20.39
CA PRO D 20 -44.45 -27.41 -19.82
C PRO D 20 -43.08 -28.08 -19.98
N ASN D 21 -42.04 -27.26 -20.17
CA ASN D 21 -40.70 -27.72 -20.52
C ASN D 21 -39.71 -26.62 -20.07
N ILE D 22 -38.42 -26.83 -20.32
CA ILE D 22 -37.42 -25.80 -20.07
C ILE D 22 -36.63 -25.58 -21.36
N LEU D 23 -36.43 -24.31 -21.71
CA LEU D 23 -35.66 -23.93 -22.87
C LEU D 23 -34.30 -23.38 -22.40
N ASN D 24 -33.23 -23.89 -23.01
CA ASN D 24 -31.87 -23.52 -22.68
C ASN D 24 -31.30 -22.67 -23.82
N CYS D 25 -30.54 -21.64 -23.44
CA CYS D 25 -29.71 -20.91 -24.37
C CYS D 25 -28.27 -20.88 -23.83
N TYR D 26 -27.38 -21.56 -24.55
CA TYR D 26 -25.99 -21.74 -24.17
C TYR D 26 -25.11 -20.86 -25.07
N VAL D 27 -24.46 -19.86 -24.46
CA VAL D 27 -23.65 -18.88 -25.16
C VAL D 27 -22.18 -19.13 -24.79
N THR D 28 -21.33 -19.31 -25.82
CA THR D 28 -19.95 -19.77 -25.63
C THR D 28 -18.99 -19.01 -26.53
N GLN D 29 -17.69 -19.19 -26.25
CA GLN D 29 -16.56 -18.77 -27.09
C GLN D 29 -16.59 -17.26 -27.33
N PHE D 30 -16.93 -16.48 -26.31
CA PHE D 30 -16.93 -15.02 -26.42
C PHE D 30 -15.90 -14.42 -25.45
N HIS D 31 -15.40 -13.24 -25.83
CA HIS D 31 -14.63 -12.35 -24.96
C HIS D 31 -14.58 -10.96 -25.61
N PRO D 32 -14.59 -9.89 -24.82
CA PRO D 32 -14.58 -9.89 -23.35
C PRO D 32 -15.88 -10.39 -22.73
N PRO D 33 -15.93 -10.61 -21.39
CA PRO D 33 -17.09 -11.27 -20.77
C PRO D 33 -18.38 -10.45 -20.68
N HIS D 34 -18.32 -9.13 -20.91
CA HIS D 34 -19.53 -8.31 -20.87
C HIS D 34 -20.45 -8.72 -22.02
N ILE D 35 -21.68 -9.13 -21.70
CA ILE D 35 -22.63 -9.64 -22.66
C ILE D 35 -24.06 -9.41 -22.13
N GLU D 36 -25.00 -9.20 -23.05
CA GLU D 36 -26.42 -9.12 -22.77
C GLU D 36 -27.10 -10.29 -23.50
N ILE D 37 -27.84 -11.11 -22.74
CA ILE D 37 -28.54 -12.27 -23.25
C ILE D 37 -30.02 -12.12 -22.90
N GLN D 38 -30.87 -12.22 -23.93
CA GLN D 38 -32.32 -12.16 -23.77
C GLN D 38 -32.92 -13.42 -24.40
N MET D 39 -33.92 -14.00 -23.74
CA MET D 39 -34.71 -15.08 -24.32
C MET D 39 -36.08 -14.50 -24.69
N LEU D 40 -36.53 -14.81 -25.92
CA LEU D 40 -37.69 -14.16 -26.53
C LEU D 40 -38.79 -15.20 -26.79
N LYS D 41 -40.03 -14.79 -26.51
CA LYS D 41 -41.24 -15.45 -26.99
C LYS D 41 -41.93 -14.49 -27.97
N ASN D 42 -42.02 -14.91 -29.24
CA ASN D 42 -42.65 -14.12 -30.31
C ASN D 42 -42.01 -12.72 -30.37
N GLY D 43 -40.67 -12.69 -30.26
CA GLY D 43 -39.88 -11.48 -30.40
C GLY D 43 -39.96 -10.56 -29.18
N LYS D 44 -40.60 -11.03 -28.10
CA LYS D 44 -40.78 -10.24 -26.88
C LYS D 44 -39.99 -10.90 -25.74
N LYS D 45 -39.37 -10.05 -24.91
CA LYS D 45 -38.47 -10.46 -23.83
C LYS D 45 -39.26 -11.28 -22.80
N ILE D 46 -38.80 -12.50 -22.52
CA ILE D 46 -39.36 -13.35 -21.46
C ILE D 46 -38.85 -12.82 -20.13
N PRO D 47 -39.73 -12.60 -19.11
CA PRO D 47 -39.29 -12.17 -17.78
C PRO D 47 -38.85 -13.35 -16.91
N LYS D 48 -37.96 -13.08 -15.95
CA LYS D 48 -37.55 -14.04 -14.93
C LYS D 48 -36.73 -15.18 -15.55
N VAL D 49 -35.92 -14.86 -16.56
CA VAL D 49 -34.97 -15.78 -17.15
C VAL D 49 -33.81 -15.97 -16.15
N GLU D 50 -33.45 -17.22 -15.88
CA GLU D 50 -32.39 -17.55 -14.94
C GLU D 50 -31.06 -17.69 -15.69
N MET D 51 -29.98 -17.17 -15.09
CA MET D 51 -28.64 -17.22 -15.65
C MET D 51 -27.76 -18.06 -14.71
N SER D 52 -26.95 -18.95 -15.28
CA SER D 52 -25.87 -19.59 -14.56
C SER D 52 -24.82 -18.53 -14.23
N ASP D 53 -23.90 -18.86 -13.32
CA ASP D 53 -22.73 -18.03 -13.10
C ASP D 53 -21.84 -18.13 -14.35
N MET D 54 -21.33 -16.99 -14.81
CA MET D 54 -20.41 -17.03 -15.92
C MET D 54 -19.14 -17.77 -15.49
N SER D 55 -18.60 -18.57 -16.41
CA SER D 55 -17.37 -19.29 -16.21
C SER D 55 -16.53 -19.20 -17.49
N PHE D 56 -15.38 -19.90 -17.52
CA PHE D 56 -14.61 -19.97 -18.75
C PHE D 56 -13.97 -21.36 -18.90
N SER D 57 -13.64 -21.68 -20.15
CA SER D 57 -13.14 -22.99 -20.55
C SER D 57 -11.61 -23.02 -20.53
N LYS D 58 -11.06 -24.17 -20.91
CA LYS D 58 -9.61 -24.43 -21.02
C LYS D 58 -8.90 -23.32 -21.80
N ASP D 59 -9.54 -22.87 -22.88
CA ASP D 59 -8.95 -21.89 -23.82
C ASP D 59 -9.22 -20.44 -23.37
N TRP D 60 -9.81 -20.26 -22.17
CA TRP D 60 -9.99 -18.96 -21.50
C TRP D 60 -11.20 -18.19 -22.05
N SER D 61 -11.94 -18.76 -23.01
CA SER D 61 -13.14 -18.14 -23.55
C SER D 61 -14.31 -18.37 -22.57
N PHE D 62 -15.23 -17.41 -22.51
CA PHE D 62 -16.30 -17.41 -21.53
C PHE D 62 -17.50 -18.20 -22.05
N TYR D 63 -18.33 -18.67 -21.11
CA TYR D 63 -19.60 -19.29 -21.40
C TYR D 63 -20.57 -19.04 -20.25
N ILE D 64 -21.86 -19.15 -20.57
CA ILE D 64 -22.92 -18.96 -19.62
C ILE D 64 -24.17 -19.65 -20.19
N LEU D 65 -25.02 -20.14 -19.29
CA LEU D 65 -26.24 -20.81 -19.65
C LEU D 65 -27.43 -19.99 -19.12
N ALA D 66 -28.32 -19.59 -20.05
CA ALA D 66 -29.62 -19.02 -19.71
C ALA D 66 -30.68 -20.12 -19.86
N HIS D 67 -31.71 -20.11 -19.00
CA HIS D 67 -32.83 -21.02 -19.17
C HIS D 67 -34.11 -20.40 -18.60
N THR D 68 -35.25 -20.90 -19.13
CA THR D 68 -36.57 -20.41 -18.77
C THR D 68 -37.59 -21.54 -18.97
N GLU D 69 -38.60 -21.56 -18.11
CA GLU D 69 -39.78 -22.39 -18.31
C GLU D 69 -40.48 -21.92 -19.60
N PHE D 70 -40.98 -22.87 -20.38
CA PHE D 70 -41.75 -22.55 -21.57
C PHE D 70 -42.67 -23.71 -21.90
N THR D 71 -43.76 -23.38 -22.61
N THR D 71 -43.75 -23.39 -22.64
CA THR D 71 -44.73 -24.35 -23.12
CA THR D 71 -44.70 -24.38 -23.11
C THR D 71 -44.76 -24.23 -24.64
C THR D 71 -44.80 -24.26 -24.63
N PRO D 72 -44.15 -25.18 -25.40
CA PRO D 72 -44.17 -25.10 -26.85
C PRO D 72 -45.61 -25.26 -27.40
N THR D 73 -45.88 -24.59 -28.52
CA THR D 73 -47.14 -24.65 -29.25
C THR D 73 -46.81 -24.65 -30.74
N GLU D 74 -47.84 -24.82 -31.56
CA GLU D 74 -47.68 -24.81 -33.01
C GLU D 74 -47.28 -23.41 -33.49
N THR D 75 -47.79 -22.38 -32.80
CA THR D 75 -47.77 -21.00 -33.30
C THR D 75 -46.59 -20.20 -32.73
N ASP D 76 -46.29 -20.36 -31.43
CA ASP D 76 -45.34 -19.52 -30.71
C ASP D 76 -43.89 -19.82 -31.16
N THR D 77 -43.11 -18.75 -31.37
CA THR D 77 -41.68 -18.86 -31.67
C THR D 77 -40.86 -18.52 -30.42
N TYR D 78 -39.68 -19.12 -30.31
CA TYR D 78 -38.77 -18.89 -29.21
C TYR D 78 -37.37 -18.64 -29.78
N ALA D 79 -36.64 -17.70 -29.17
CA ALA D 79 -35.33 -17.30 -29.65
C ALA D 79 -34.44 -16.85 -28.49
N CYS D 80 -33.14 -16.78 -28.78
CA CYS D 80 -32.17 -16.25 -27.87
C CYS D 80 -31.40 -15.14 -28.59
N ARG D 81 -31.44 -13.94 -28.00
CA ARG D 81 -30.85 -12.74 -28.59
C ARG D 81 -29.67 -12.29 -27.73
N VAL D 82 -28.52 -12.05 -28.39
CA VAL D 82 -27.25 -11.77 -27.74
C VAL D 82 -26.67 -10.49 -28.32
N LYS D 83 -26.37 -9.53 -27.43
CA LYS D 83 -25.62 -8.32 -27.77
C LYS D 83 -24.22 -8.42 -27.16
N HIS D 84 -23.19 -8.26 -28.01
CA HIS D 84 -21.80 -8.34 -27.62
C HIS D 84 -20.97 -7.39 -28.51
N ALA D 85 -19.95 -6.76 -27.90
CA ALA D 85 -19.13 -5.72 -28.54
C ALA D 85 -18.47 -6.24 -29.83
N SER D 86 -18.32 -7.56 -29.95
CA SER D 86 -17.70 -8.21 -31.11
C SER D 86 -18.64 -8.20 -32.33
N MET D 87 -19.90 -7.78 -32.14
CA MET D 87 -20.90 -7.78 -33.20
C MET D 87 -21.53 -6.39 -33.32
N ALA D 88 -21.68 -5.92 -34.57
CA ALA D 88 -22.28 -4.63 -34.88
C ALA D 88 -23.76 -4.63 -34.49
N GLU D 89 -24.45 -5.74 -34.76
CA GLU D 89 -25.88 -5.90 -34.47
C GLU D 89 -26.08 -7.11 -33.55
N PRO D 90 -27.16 -7.14 -32.74
CA PRO D 90 -27.51 -8.33 -31.95
C PRO D 90 -27.70 -9.56 -32.85
N LYS D 91 -27.23 -10.71 -32.37
CA LYS D 91 -27.43 -11.98 -33.05
C LYS D 91 -28.61 -12.70 -32.38
N THR D 92 -29.53 -13.20 -33.22
CA THR D 92 -30.71 -13.94 -32.75
C THR D 92 -30.65 -15.36 -33.34
N VAL D 93 -30.82 -16.36 -32.46
CA VAL D 93 -30.92 -17.75 -32.86
C VAL D 93 -32.28 -18.27 -32.39
N TYR D 94 -33.08 -18.76 -33.35
CA TYR D 94 -34.42 -19.24 -33.09
C TYR D 94 -34.36 -20.71 -32.69
N TRP D 95 -35.19 -21.08 -31.71
CA TRP D 95 -35.40 -22.47 -31.36
C TRP D 95 -36.12 -23.17 -32.52
N ASP D 96 -35.51 -24.26 -32.99
CA ASP D 96 -36.12 -25.16 -33.96
C ASP D 96 -36.10 -26.56 -33.37
N ARG D 97 -37.28 -27.07 -33.00
CA ARG D 97 -37.42 -28.36 -32.31
C ARG D 97 -36.88 -29.49 -33.18
N ASP D 98 -37.01 -29.33 -34.50
CA ASP D 98 -36.57 -30.33 -35.47
C ASP D 98 -35.04 -30.39 -35.53
N MET D 99 -34.38 -29.23 -35.34
CA MET D 99 -32.92 -29.16 -35.23
C MET D 99 -32.49 -29.50 -33.80
#